data_4KGB
#
_entry.id   4KGB
#
_cell.length_a   76.638
_cell.length_b   101.921
_cell.length_c   122.457
_cell.angle_alpha   90.00
_cell.angle_beta   90.00
_cell.angle_gamma   90.00
#
_symmetry.space_group_name_H-M   'P 21 21 21'
#
loop_
_entity.id
_entity.type
_entity.pdbx_description
1 polymer 'Succinyl-CoA:3-ketoacid-coenzyme A transferase'
2 non-polymer 'SULFATE ION'
3 water water
#
_entity_poly.entity_id   1
_entity_poly.type   'polypeptide(L)'
_entity_poly.pdbx_seq_one_letter_code
;GAMAGKIYESAIDAVADVQDGAQILFGGFGICGIPEKMINALKQKGVKNITGVSNNGGVDDTGLGVLIKQKQVSKVIGSY
VGENTELVRQYLEGELAVELTPQGTLAEKIRAGGAGIPAFYTPTGYATLVQEGGAPIKYSKDGKVEISSEKKPVKEFNGK
NYVMEESIFADFAFVKAQKADPLGNLVFNKAARNFNAPMCRAAKITVAEVEEIVPIGALSPDEIHVPGIYINRIFKGTNY
NKRVERLRITEPKDPSKPAPPPNPAQVLRERIARRVALEFHDGMYANLGIGIPVLSSNYIPKGMNVMLQSENGILGLGPF
PTKDKVDPDLINAGKESVTVVPGASYFGSDDSFAMIRGGHVDITILGAMEVSATGDLANWMIPGKLVKGMGGAMDLVAAP
GTKVIITMEHNARDGSPKILDTCSLPLTGKGVIDMIISEKAVFTVEKGVGLTLIEVAEGYTVDDIIASTGAKFTVSPNLK
KMGQIPV
;
_entity_poly.pdbx_strand_id   A,B
#
# COMPACT_ATOMS: atom_id res chain seq x y z
N GLY A 5 -6.08 -13.04 15.87
CA GLY A 5 -7.46 -13.32 16.44
C GLY A 5 -8.01 -14.74 16.33
N LYS A 6 -9.31 -14.95 16.65
CA LYS A 6 -9.88 -16.16 17.32
C LYS A 6 -11.02 -16.83 16.52
N ILE A 7 -11.10 -18.15 16.60
CA ILE A 7 -12.04 -18.94 15.82
C ILE A 7 -13.45 -18.97 16.46
N TYR A 8 -14.47 -18.78 15.63
CA TYR A 8 -15.84 -18.80 16.04
C TYR A 8 -16.52 -19.95 15.32
N GLU A 9 -17.19 -20.82 16.07
CA GLU A 9 -17.86 -21.90 15.41
C GLU A 9 -19.26 -21.45 15.00
N SER A 10 -19.64 -20.24 15.43
CA SER A 10 -20.96 -19.72 15.13
C SER A 10 -20.88 -18.31 14.57
N ALA A 11 -21.33 -18.17 13.35
CA ALA A 11 -21.34 -16.91 12.67
C ALA A 11 -22.12 -15.86 13.42
N ILE A 12 -23.26 -16.23 14.03
CA ILE A 12 -24.07 -15.20 14.73
C ILE A 12 -23.36 -14.64 15.91
N ASP A 13 -22.49 -15.45 16.52
CA ASP A 13 -21.64 -14.94 17.60
C ASP A 13 -20.62 -13.96 17.10
N ALA A 14 -20.18 -14.17 15.84
CA ALA A 14 -19.18 -13.34 15.20
C ALA A 14 -19.62 -11.89 14.90
N VAL A 15 -20.91 -11.69 14.65
CA VAL A 15 -21.48 -10.35 14.39
C VAL A 15 -22.23 -9.79 15.57
N ALA A 16 -22.12 -10.43 16.73
CA ALA A 16 -22.92 -10.06 17.89
C ALA A 16 -22.83 -8.59 18.35
N ASP A 17 -21.67 -7.96 18.17
CA ASP A 17 -21.53 -6.53 18.54
C ASP A 17 -21.70 -5.52 17.40
N VAL A 18 -22.29 -5.96 16.28
CA VAL A 18 -22.53 -5.05 15.18
C VAL A 18 -23.81 -4.29 15.40
N GLN A 19 -23.70 -3.01 15.73
CA GLN A 19 -24.90 -2.20 15.99
C GLN A 19 -25.46 -1.50 14.75
N ASP A 20 -26.68 -0.99 14.91
CA ASP A 20 -27.31 -0.16 13.86
C ASP A 20 -26.45 1.08 13.56
N GLY A 21 -26.40 1.47 12.30
CA GLY A 21 -25.60 2.61 11.89
C GLY A 21 -24.12 2.33 11.63
N ALA A 22 -23.72 1.07 11.63
CA ALA A 22 -22.32 0.70 11.46
C ALA A 22 -21.89 0.92 10.03
N GLN A 23 -20.64 1.36 9.87
CA GLN A 23 -19.97 1.37 8.56
C GLN A 23 -19.25 0.03 8.37
N ILE A 24 -19.61 -0.68 7.31
CA ILE A 24 -19.13 -2.01 7.14
C ILE A 24 -18.55 -2.23 5.77
N LEU A 25 -17.33 -2.74 5.74
CA LEU A 25 -16.70 -3.06 4.48
C LEU A 25 -17.09 -4.47 4.10
N PHE A 26 -17.36 -4.69 2.81
CA PHE A 26 -17.64 -6.04 2.33
C PHE A 26 -16.73 -6.34 1.15
N GLY A 27 -15.90 -7.38 1.29
CA GLY A 27 -14.99 -7.79 0.23
C GLY A 27 -15.76 -8.35 -0.93
N GLY A 28 -15.08 -8.47 -2.06
CA GLY A 28 -15.64 -9.05 -3.25
C GLY A 28 -15.59 -8.14 -4.47
N PHE A 29 -15.38 -8.75 -5.63
CA PHE A 29 -15.53 -8.07 -6.88
C PHE A 29 -16.63 -8.80 -7.63
N GLY A 30 -17.72 -8.08 -7.92
CA GLY A 30 -18.93 -8.74 -8.42
C GLY A 30 -19.51 -9.72 -7.38
N ILE A 31 -19.46 -11.00 -7.71
CA ILE A 31 -19.83 -12.10 -6.81
C ILE A 31 -18.60 -13.00 -6.58
N CYS A 32 -17.42 -12.51 -6.94
CA CYS A 32 -16.21 -13.23 -6.69
C CYS A 32 -15.53 -12.80 -5.39
N GLY A 33 -15.40 -13.73 -4.45
CA GLY A 33 -14.71 -13.44 -3.19
C GLY A 33 -15.58 -12.68 -2.21
N ILE A 34 -16.86 -13.00 -2.20
CA ILE A 34 -17.79 -12.32 -1.32
C ILE A 34 -17.91 -13.11 -0.03
N PRO A 35 -18.17 -12.39 1.08
CA PRO A 35 -18.37 -12.96 2.41
C PRO A 35 -19.77 -13.47 2.66
N GLU A 36 -20.10 -14.55 1.97
CA GLU A 36 -21.47 -15.08 1.87
C GLU A 36 -22.07 -15.44 3.24
N LYS A 37 -21.28 -16.06 4.11
CA LYS A 37 -21.84 -16.61 5.34
C LYS A 37 -22.04 -15.52 6.36
N MET A 38 -21.13 -14.54 6.38
CA MET A 38 -21.28 -13.49 7.35
C MET A 38 -22.35 -12.53 6.89
N ILE A 39 -22.57 -12.45 5.59
CA ILE A 39 -23.64 -11.62 5.08
C ILE A 39 -24.97 -12.21 5.49
N ASN A 40 -25.12 -13.53 5.48
CA ASN A 40 -26.32 -14.18 5.97
C ASN A 40 -26.50 -14.03 7.50
N ALA A 41 -25.40 -14.06 8.21
CA ALA A 41 -25.41 -13.88 9.66
C ALA A 41 -25.95 -12.49 9.98
N LEU A 42 -25.49 -11.50 9.25
CA LEU A 42 -26.00 -10.14 9.37
C LEU A 42 -27.45 -10.00 8.98
N LYS A 43 -27.84 -10.67 7.91
CA LYS A 43 -29.22 -10.76 7.53
C LYS A 43 -30.04 -11.35 8.69
N GLN A 44 -29.57 -12.48 9.22
CA GLN A 44 -30.29 -13.12 10.26
C GLN A 44 -30.37 -12.21 11.47
N LYS A 45 -29.32 -11.45 11.72
CA LYS A 45 -29.33 -10.60 12.88
C LYS A 45 -30.25 -9.41 12.70
N GLY A 46 -30.52 -9.00 11.48
CA GLY A 46 -31.43 -7.88 11.23
C GLY A 46 -30.91 -6.48 11.57
N VAL A 47 -29.60 -6.33 11.68
CA VAL A 47 -29.00 -4.99 11.87
C VAL A 47 -29.40 -4.04 10.75
N LYS A 48 -29.68 -2.80 11.12
CA LYS A 48 -30.31 -1.81 10.24
C LYS A 48 -29.36 -0.64 9.97
N ASN A 49 -29.67 0.14 8.94
CA ASN A 49 -29.00 1.45 8.72
C ASN A 49 -27.48 1.33 8.57
N ILE A 50 -27.09 0.37 7.73
CA ILE A 50 -25.69 0.07 7.45
C ILE A 50 -25.20 0.96 6.35
N THR A 51 -24.01 1.52 6.50
CA THR A 51 -23.30 2.09 5.35
C THR A 51 -22.41 0.97 4.82
N GLY A 52 -22.77 0.40 3.69
CA GLY A 52 -22.01 -0.67 3.13
C GLY A 52 -20.96 -0.18 2.16
N VAL A 53 -19.71 -0.39 2.48
CA VAL A 53 -18.66 -0.09 1.54
C VAL A 53 -18.36 -1.38 0.75
N SER A 54 -18.68 -1.37 -0.52
CA SER A 54 -18.43 -2.54 -1.37
C SER A 54 -18.24 -2.08 -2.80
N ASN A 55 -17.43 -2.80 -3.57
CA ASN A 55 -17.13 -2.33 -4.91
C ASN A 55 -18.37 -2.32 -5.79
N ASN A 56 -19.17 -3.37 -5.65
CA ASN A 56 -20.41 -3.59 -6.37
C ASN A 56 -21.58 -3.88 -5.36
N GLY A 57 -22.82 -3.97 -5.84
CA GLY A 57 -23.95 -4.39 -5.00
C GLY A 57 -24.32 -5.85 -5.22
N GLY A 58 -23.34 -6.69 -5.49
CA GLY A 58 -23.64 -8.07 -5.89
C GLY A 58 -24.67 -8.01 -7.01
N VAL A 59 -25.63 -8.94 -6.99
CA VAL A 59 -26.79 -8.87 -7.86
C VAL A 59 -28.02 -9.01 -6.99
N ASP A 60 -29.20 -9.12 -7.58
CA ASP A 60 -30.41 -9.27 -6.78
C ASP A 60 -30.18 -10.42 -5.80
N ASP A 61 -30.26 -10.10 -4.52
CA ASP A 61 -30.19 -11.06 -3.42
C ASP A 61 -28.96 -11.98 -3.43
N THR A 62 -27.80 -11.44 -3.81
CA THR A 62 -26.55 -12.11 -3.49
C THR A 62 -25.47 -11.09 -3.16
N GLY A 63 -24.56 -11.48 -2.28
CA GLY A 63 -23.52 -10.60 -1.79
C GLY A 63 -24.21 -9.49 -1.04
N LEU A 64 -23.76 -8.28 -1.25
CA LEU A 64 -24.35 -7.16 -0.54
C LEU A 64 -25.82 -7.03 -0.88
N GLY A 65 -26.22 -7.61 -1.99
CA GLY A 65 -27.63 -7.57 -2.38
C GLY A 65 -28.57 -8.22 -1.38
N VAL A 66 -28.05 -9.17 -0.60
CA VAL A 66 -28.86 -9.90 0.38
C VAL A 66 -29.38 -8.92 1.40
N LEU A 67 -28.55 -7.94 1.73
CA LEU A 67 -28.83 -6.99 2.80
C LEU A 67 -29.61 -5.81 2.31
N ILE A 68 -29.43 -5.44 1.06
CA ILE A 68 -30.23 -4.38 0.46
C ILE A 68 -31.65 -4.86 0.22
N LYS A 69 -31.79 -6.12 -0.15
CA LYS A 69 -33.12 -6.66 -0.32
C LYS A 69 -33.91 -6.52 0.96
N GLN A 70 -33.29 -6.74 2.12
CA GLN A 70 -34.01 -6.64 3.39
C GLN A 70 -33.95 -5.26 3.99
N LYS A 71 -33.56 -4.27 3.21
CA LYS A 71 -33.61 -2.85 3.64
C LYS A 71 -32.72 -2.54 4.83
N GLN A 72 -31.63 -3.28 4.96
CA GLN A 72 -30.72 -3.14 6.08
C GLN A 72 -29.62 -2.08 5.85
N VAL A 73 -29.57 -1.59 4.63
CA VAL A 73 -28.48 -0.72 4.20
C VAL A 73 -29.04 0.65 3.86
N SER A 74 -28.62 1.70 4.56
CA SER A 74 -29.10 3.02 4.23
C SER A 74 -28.16 3.76 3.28
N LYS A 75 -26.92 3.32 3.15
CA LYS A 75 -26.00 3.96 2.18
C LYS A 75 -25.01 2.96 1.60
N VAL A 76 -24.67 3.14 0.35
CA VAL A 76 -23.69 2.31 -0.31
C VAL A 76 -22.59 3.21 -0.88
N ILE A 77 -21.35 2.92 -0.49
CA ILE A 77 -20.22 3.50 -1.14
C ILE A 77 -19.61 2.38 -1.97
N GLY A 78 -19.41 2.68 -3.25
CA GLY A 78 -18.89 1.73 -4.23
C GLY A 78 -18.52 2.38 -5.55
N SER A 79 -18.25 1.57 -6.54
CA SER A 79 -17.87 2.09 -7.85
C SER A 79 -18.84 1.72 -8.95
N TYR A 80 -19.57 0.63 -8.83
CA TYR A 80 -20.49 0.25 -9.88
C TYR A 80 -21.61 -0.61 -9.31
N VAL A 81 -22.84 -0.12 -9.45
CA VAL A 81 -23.99 -0.77 -8.82
C VAL A 81 -25.11 -1.12 -9.79
N GLY A 82 -24.87 -0.88 -11.06
CA GLY A 82 -25.72 -1.47 -12.07
C GLY A 82 -25.52 -2.96 -11.84
N GLU A 83 -26.55 -3.73 -12.08
CA GLU A 83 -26.49 -5.20 -12.03
C GLU A 83 -27.41 -5.59 -10.91
N ASN A 84 -27.43 -4.77 -9.85
CA ASN A 84 -28.48 -4.85 -8.83
C ASN A 84 -29.58 -3.80 -9.03
N THR A 85 -30.67 -4.22 -9.65
CA THR A 85 -31.81 -3.32 -10.00
C THR A 85 -32.61 -2.90 -8.74
N GLU A 86 -32.72 -3.80 -7.77
CA GLU A 86 -33.36 -3.50 -6.50
C GLU A 86 -32.67 -2.33 -5.83
N LEU A 87 -31.34 -2.39 -5.89
CA LEU A 87 -30.49 -1.32 -5.35
C LEU A 87 -30.73 -0.01 -6.09
N VAL A 88 -30.77 -0.05 -7.42
CA VAL A 88 -31.07 1.18 -8.14
C VAL A 88 -32.51 1.64 -7.81
N ARG A 89 -33.44 0.71 -7.80
CA ARG A 89 -34.83 0.99 -7.44
C ARG A 89 -34.92 1.79 -6.16
N GLN A 90 -34.19 1.37 -5.13
CA GLN A 90 -34.20 2.05 -3.85
C GLN A 90 -33.53 3.43 -3.88
N TYR A 91 -32.56 3.59 -4.79
CA TYR A 91 -31.81 4.85 -4.91
C TYR A 91 -32.73 5.95 -5.43
N LEU A 92 -33.42 5.59 -6.52
CA LEU A 92 -34.42 6.44 -7.19
C LEU A 92 -35.61 6.77 -6.30
N GLU A 93 -36.21 5.74 -5.69
CA GLU A 93 -37.31 5.93 -4.74
C GLU A 93 -36.95 6.79 -3.54
N GLY A 94 -35.67 7.10 -3.36
CA GLY A 94 -35.22 7.88 -2.19
C GLY A 94 -35.04 7.08 -0.90
N GLU A 95 -35.01 5.76 -1.00
CA GLU A 95 -34.84 4.89 0.20
C GLU A 95 -33.37 4.72 0.63
N LEU A 96 -32.43 5.06 -0.25
CA LEU A 96 -31.04 4.64 -0.12
C LEU A 96 -30.03 5.62 -0.73
N ALA A 97 -29.01 6.02 0.04
CA ALA A 97 -27.92 6.88 -0.44
C ALA A 97 -26.89 6.09 -1.24
N VAL A 98 -26.33 6.68 -2.29
CA VAL A 98 -25.28 6.03 -3.02
C VAL A 98 -24.20 7.01 -3.38
N GLU A 99 -23.02 6.77 -2.87
CA GLU A 99 -21.86 7.50 -3.25
C GLU A 99 -20.99 6.62 -4.13
N LEU A 100 -20.84 7.02 -5.38
CA LEU A 100 -19.99 6.35 -6.30
C LEU A 100 -18.60 6.88 -6.22
N THR A 101 -17.65 5.98 -6.39
CA THR A 101 -16.25 6.36 -6.30
C THR A 101 -15.49 5.57 -7.31
N PRO A 102 -14.61 6.23 -8.03
CA PRO A 102 -13.82 5.45 -8.97
C PRO A 102 -13.24 4.23 -8.30
N GLN A 103 -13.19 3.10 -9.00
CA GLN A 103 -12.79 1.86 -8.36
C GLN A 103 -11.40 1.94 -7.71
N GLY A 104 -10.44 2.56 -8.39
CA GLY A 104 -9.09 2.72 -7.80
C GLY A 104 -9.01 3.66 -6.62
N THR A 105 -9.92 4.61 -6.54
CA THR A 105 -9.92 5.55 -5.46
C THR A 105 -10.56 4.89 -4.27
N LEU A 106 -11.57 4.08 -4.50
CA LEU A 106 -12.13 3.25 -3.45
C LEU A 106 -11.06 2.37 -2.78
N ALA A 107 -10.26 1.71 -3.60
CA ALA A 107 -9.26 0.82 -3.11
C ALA A 107 -8.21 1.52 -2.26
N GLU A 108 -7.77 2.67 -2.75
CA GLU A 108 -6.79 3.46 -2.03
C GLU A 108 -7.40 4.13 -0.81
N LYS A 109 -8.65 4.55 -0.87
CA LYS A 109 -9.26 5.11 0.33
C LYS A 109 -9.19 4.14 1.47
N ILE A 110 -9.44 2.88 1.15
CA ILE A 110 -9.46 1.78 2.14
C ILE A 110 -8.05 1.43 2.59
N ARG A 111 -7.15 1.27 1.61
CA ARG A 111 -5.77 1.03 1.95
C ARG A 111 -5.27 2.16 2.82
N ALA A 112 -5.46 3.40 2.39
CA ALA A 112 -5.04 4.57 3.23
C ALA A 112 -5.71 4.58 4.60
N GLY A 113 -6.98 4.28 4.68
CA GLY A 113 -7.61 4.25 6.00
C GLY A 113 -6.93 3.26 6.93
N GLY A 114 -6.69 2.05 6.46
CA GLY A 114 -6.07 1.06 7.31
C GLY A 114 -4.59 1.33 7.61
N ALA A 115 -3.99 2.18 6.80
CA ALA A 115 -2.62 2.55 7.04
C ALA A 115 -2.56 3.85 7.88
N GLY A 116 -3.72 4.32 8.37
CA GLY A 116 -3.76 5.56 9.16
C GLY A 116 -3.38 6.85 8.40
N ILE A 117 -3.72 6.87 7.14
CA ILE A 117 -3.50 8.02 6.26
C ILE A 117 -4.92 8.53 5.96
N PRO A 118 -5.31 9.66 6.58
CA PRO A 118 -6.64 10.22 6.47
C PRO A 118 -6.97 10.84 5.12
N ALA A 119 -5.95 11.25 4.38
CA ALA A 119 -6.20 11.69 3.01
C ALA A 119 -4.98 11.66 2.16
N PHE A 120 -5.24 11.67 0.84
CA PHE A 120 -4.22 11.54 -0.18
C PHE A 120 -4.73 12.15 -1.48
N TYR A 121 -3.79 12.36 -2.40
CA TYR A 121 -4.07 12.95 -3.70
C TYR A 121 -3.94 11.92 -4.84
N THR A 122 -4.88 11.99 -5.76
CA THR A 122 -4.90 11.11 -6.93
C THR A 122 -5.38 11.93 -8.14
N PRO A 123 -4.92 11.59 -9.36
CA PRO A 123 -5.32 12.24 -10.62
C PRO A 123 -6.66 11.75 -11.16
N THR A 124 -7.11 10.63 -10.65
CA THR A 124 -8.39 10.03 -11.04
C THR A 124 -9.51 10.93 -10.59
N GLY A 125 -10.34 11.34 -11.53
CA GLY A 125 -11.55 12.07 -11.22
C GLY A 125 -11.40 13.52 -11.61
N TYR A 126 -10.16 14.00 -11.65
CA TYR A 126 -9.93 15.38 -12.02
C TYR A 126 -10.67 15.74 -13.31
N ALA A 127 -11.30 16.93 -13.26
CA ALA A 127 -12.12 17.46 -14.37
C ALA A 127 -13.29 16.57 -14.71
N THR A 128 -13.87 15.93 -13.70
CA THR A 128 -15.11 15.20 -13.87
C THR A 128 -16.04 15.48 -12.68
N LEU A 129 -17.23 14.85 -12.65
CA LEU A 129 -18.18 15.06 -11.55
C LEU A 129 -17.63 14.73 -10.20
N VAL A 130 -16.72 13.77 -10.20
CA VAL A 130 -16.00 13.36 -9.00
C VAL A 130 -15.33 14.56 -8.34
N GLN A 131 -14.49 15.25 -9.06
CA GLN A 131 -13.93 16.53 -8.59
C GLN A 131 -14.96 17.69 -8.49
N GLU A 132 -15.86 17.77 -9.46
CA GLU A 132 -16.76 18.92 -9.54
C GLU A 132 -17.92 18.84 -8.57
N GLY A 133 -18.25 17.65 -8.11
CA GLY A 133 -19.34 17.50 -7.18
C GLY A 133 -20.63 17.77 -7.90
N GLY A 134 -21.71 17.90 -7.14
CA GLY A 134 -23.02 18.19 -7.70
C GLY A 134 -23.84 16.96 -8.06
N ALA A 135 -23.25 15.77 -7.93
CA ALA A 135 -23.94 14.53 -8.23
C ALA A 135 -24.89 14.18 -7.08
N PRO A 136 -26.08 13.65 -7.40
CA PRO A 136 -27.02 13.30 -6.34
C PRO A 136 -26.70 11.97 -5.62
N ILE A 137 -26.54 12.05 -4.31
CA ILE A 137 -26.24 10.90 -3.46
C ILE A 137 -27.51 10.32 -2.84
N LYS A 138 -28.45 11.20 -2.46
CA LYS A 138 -29.71 10.81 -1.83
C LYS A 138 -30.88 11.70 -2.27
N TYR A 139 -31.92 11.06 -2.79
CA TYR A 139 -33.21 11.69 -3.03
C TYR A 139 -34.17 11.47 -1.83
N SER A 140 -35.13 12.37 -1.63
CA SER A 140 -36.14 12.13 -0.62
C SER A 140 -37.19 11.42 -1.42
N LYS A 141 -38.18 10.82 -0.78
CA LYS A 141 -39.18 10.03 -1.53
C LYS A 141 -40.01 10.85 -2.53
N ASP A 142 -40.05 12.16 -2.35
CA ASP A 142 -40.69 13.07 -3.29
C ASP A 142 -39.74 13.31 -4.46
N GLY A 143 -38.49 13.03 -4.17
CA GLY A 143 -37.42 13.98 -4.35
C GLY A 143 -36.91 14.19 -5.73
N LYS A 144 -36.13 15.24 -5.92
CA LYS A 144 -35.66 16.20 -4.88
C LYS A 144 -34.40 15.68 -4.18
N VAL A 145 -33.28 16.28 -4.57
CA VAL A 145 -32.00 15.81 -4.13
C VAL A 145 -31.81 16.29 -2.70
N GLU A 146 -31.66 15.34 -1.80
CA GLU A 146 -31.49 15.64 -0.39
C GLU A 146 -30.02 15.76 -0.05
N ILE A 147 -29.19 14.93 -0.68
CA ILE A 147 -27.76 15.00 -0.48
C ILE A 147 -27.09 14.86 -1.83
N SER A 148 -26.17 15.77 -2.09
CA SER A 148 -25.38 15.73 -3.32
C SER A 148 -23.91 15.85 -2.97
N SER A 149 -23.06 15.44 -3.91
CA SER A 149 -21.64 15.30 -3.65
C SER A 149 -20.95 16.67 -3.57
N GLU A 150 -20.04 16.81 -2.61
CA GLU A 150 -19.26 18.03 -2.47
C GLU A 150 -18.16 18.09 -3.49
N LYS A 151 -17.88 19.30 -3.95
CA LYS A 151 -16.72 19.62 -4.74
C LYS A 151 -15.50 19.25 -3.95
N LYS A 152 -14.49 18.69 -4.60
CA LYS A 152 -13.28 18.22 -3.90
C LYS A 152 -12.13 19.18 -4.11
N PRO A 153 -11.28 19.34 -3.10
CA PRO A 153 -10.10 20.20 -3.29
C PRO A 153 -9.15 19.65 -4.33
N VAL A 154 -8.47 20.55 -5.04
CA VAL A 154 -7.50 20.13 -6.07
C VAL A 154 -6.21 20.83 -5.76
N LYS A 155 -5.11 20.25 -6.22
CA LYS A 155 -3.82 20.77 -5.88
C LYS A 155 -2.87 20.27 -6.94
N GLU A 156 -1.86 21.04 -7.27
CA GLU A 156 -1.01 20.66 -8.39
C GLU A 156 0.34 20.21 -7.85
N PHE A 157 0.86 19.12 -8.41
CA PHE A 157 2.21 18.68 -8.07
C PHE A 157 2.94 18.42 -9.36
N ASN A 158 4.17 18.91 -9.43
CA ASN A 158 5.00 18.71 -10.60
C ASN A 158 4.30 19.08 -11.91
N GLY A 159 3.47 20.12 -11.88
CA GLY A 159 2.73 20.52 -13.10
C GLY A 159 1.48 19.73 -13.47
N LYS A 160 1.13 18.68 -12.72
CA LYS A 160 -0.10 17.96 -13.00
C LYS A 160 -1.10 18.22 -11.89
N ASN A 161 -2.38 17.99 -12.18
CA ASN A 161 -3.46 18.26 -11.24
C ASN A 161 -4.03 17.02 -10.60
N TYR A 162 -4.37 17.13 -9.32
CA TYR A 162 -4.79 16.01 -8.51
C TYR A 162 -5.96 16.42 -7.64
N VAL A 163 -6.75 15.43 -7.26
CA VAL A 163 -7.97 15.61 -6.51
C VAL A 163 -7.61 15.11 -5.14
N MET A 164 -8.04 15.79 -4.10
CA MET A 164 -7.83 15.26 -2.76
C MET A 164 -8.96 14.34 -2.37
N GLU A 165 -8.62 13.19 -1.78
CA GLU A 165 -9.58 12.24 -1.37
C GLU A 165 -9.35 11.82 0.07
N GLU A 166 -10.43 11.59 0.80
CA GLU A 166 -10.32 11.17 2.21
C GLU A 166 -10.44 9.67 2.39
N SER A 167 -9.68 9.15 3.35
CA SER A 167 -9.64 7.72 3.60
C SER A 167 -10.95 7.16 4.11
N ILE A 168 -11.04 5.85 4.13
CA ILE A 168 -12.13 5.17 4.77
C ILE A 168 -11.52 4.24 5.78
N PHE A 169 -12.13 4.24 6.97
CA PHE A 169 -11.80 3.35 8.06
C PHE A 169 -13.08 3.02 8.79
N ALA A 170 -13.48 1.76 8.73
CA ALA A 170 -14.81 1.33 9.12
C ALA A 170 -14.88 0.72 10.48
N ASP A 171 -16.11 0.53 10.96
CA ASP A 171 -16.36 -0.20 12.19
C ASP A 171 -16.02 -1.67 12.04
N PHE A 172 -16.47 -2.27 10.95
CA PHE A 172 -16.28 -3.67 10.76
C PHE A 172 -15.88 -3.93 9.32
N ALA A 173 -15.15 -5.04 9.10
CA ALA A 173 -14.85 -5.49 7.77
C ALA A 173 -15.15 -6.94 7.70
N PHE A 174 -15.96 -7.29 6.71
CA PHE A 174 -16.33 -8.67 6.45
C PHE A 174 -15.73 -9.12 5.15
N VAL A 175 -14.87 -10.11 5.30
CA VAL A 175 -13.91 -10.44 4.27
C VAL A 175 -13.89 -11.96 4.06
N LYS A 176 -13.50 -12.37 2.87
CA LYS A 176 -13.51 -13.78 2.45
C LYS A 176 -12.15 -14.23 2.02
N ALA A 177 -11.72 -15.41 2.48
CA ALA A 177 -10.42 -15.94 2.01
C ALA A 177 -10.46 -17.43 1.90
N GLN A 178 -9.33 -18.04 1.51
CA GLN A 178 -9.28 -19.50 1.33
C GLN A 178 -8.88 -20.28 2.59
N LYS A 179 -7.80 -19.85 3.26
CA LYS A 179 -7.35 -20.51 4.48
C LYS A 179 -7.00 -19.50 5.57
N ALA A 180 -7.24 -19.91 6.83
CA ALA A 180 -6.70 -19.25 7.98
C ALA A 180 -5.99 -20.23 8.93
N ASP A 181 -4.99 -19.74 9.66
CA ASP A 181 -4.52 -20.42 10.85
C ASP A 181 -5.16 -19.72 12.05
N PRO A 182 -5.08 -20.32 13.25
CA PRO A 182 -5.86 -19.81 14.38
C PRO A 182 -5.37 -18.48 14.94
N LEU A 183 -4.21 -18.02 14.47
CA LEU A 183 -3.70 -16.66 14.74
C LEU A 183 -4.28 -15.60 13.82
N GLY A 184 -5.09 -16.03 12.86
CA GLY A 184 -5.66 -15.12 11.90
C GLY A 184 -4.84 -14.83 10.63
N ASN A 185 -3.64 -15.36 10.48
CA ASN A 185 -2.94 -15.23 9.20
C ASN A 185 -3.81 -15.78 8.07
N LEU A 186 -3.92 -15.05 6.96
CA LEU A 186 -4.77 -15.47 5.85
C LEU A 186 -4.02 -15.61 4.56
N VAL A 187 -4.62 -16.45 3.71
CA VAL A 187 -4.17 -16.70 2.38
C VAL A 187 -5.47 -16.67 1.50
N PHE A 188 -5.40 -15.99 0.35
CA PHE A 188 -6.49 -15.92 -0.61
C PHE A 188 -6.19 -16.77 -1.82
N ASN A 189 -7.24 -17.13 -2.55
CA ASN A 189 -7.10 -17.94 -3.73
C ASN A 189 -7.42 -17.12 -4.95
N LYS A 190 -6.41 -16.94 -5.77
CA LYS A 190 -6.57 -16.33 -7.11
C LYS A 190 -7.18 -14.93 -7.12
N ALA A 191 -8.22 -14.71 -7.91
CA ALA A 191 -8.71 -13.35 -8.10
C ALA A 191 -9.82 -13.04 -7.13
N ALA A 192 -10.02 -13.90 -6.16
CA ALA A 192 -11.05 -13.71 -5.17
C ALA A 192 -10.49 -12.80 -4.08
N ARG A 193 -9.20 -12.55 -4.12
CA ARG A 193 -8.58 -11.55 -3.28
C ARG A 193 -9.27 -10.20 -3.44
N ASN A 194 -9.06 -9.60 -4.60
CA ASN A 194 -9.58 -8.27 -4.91
C ASN A 194 -9.64 -7.28 -3.72
N PHE A 195 -10.82 -6.85 -3.30
CA PHE A 195 -10.97 -5.87 -2.24
C PHE A 195 -10.81 -6.47 -0.88
N ASN A 196 -10.87 -7.80 -0.74
CA ASN A 196 -10.68 -8.41 0.58
C ASN A 196 -9.27 -8.07 1.19
N ALA A 197 -8.25 -8.03 0.33
CA ALA A 197 -6.89 -7.67 0.73
C ALA A 197 -6.85 -6.35 1.48
N PRO A 198 -7.24 -5.21 0.84
CA PRO A 198 -7.20 -3.94 1.55
C PRO A 198 -8.26 -3.78 2.61
N MET A 199 -9.43 -4.32 2.38
CA MET A 199 -10.52 -4.22 3.37
C MET A 199 -10.18 -4.79 4.74
N CYS A 200 -9.43 -5.87 4.76
CA CYS A 200 -9.26 -6.53 6.07
C CYS A 200 -8.33 -5.73 6.98
N ARG A 201 -7.64 -4.74 6.44
CA ARG A 201 -6.78 -3.84 7.21
C ARG A 201 -7.43 -2.54 7.64
N ALA A 202 -8.69 -2.31 7.33
CA ALA A 202 -9.26 -0.96 7.46
C ALA A 202 -10.52 -0.88 8.28
N ALA A 203 -10.60 -1.70 9.32
CA ALA A 203 -11.71 -1.63 10.21
C ALA A 203 -11.27 -1.90 11.61
N LYS A 204 -12.04 -1.38 12.56
CA LYS A 204 -11.76 -1.58 13.99
C LYS A 204 -11.81 -3.09 14.26
N ILE A 205 -12.78 -3.76 13.64
CA ILE A 205 -12.91 -5.19 13.81
C ILE A 205 -13.04 -5.86 12.49
N THR A 206 -12.28 -6.92 12.27
CA THR A 206 -12.33 -7.62 11.00
C THR A 206 -12.77 -9.07 11.20
N VAL A 207 -13.70 -9.51 10.35
CA VAL A 207 -14.15 -10.88 10.35
C VAL A 207 -13.83 -11.54 9.00
N ALA A 208 -13.06 -12.63 9.07
CA ALA A 208 -12.66 -13.38 7.89
C ALA A 208 -13.35 -14.72 7.80
N GLU A 209 -14.11 -14.95 6.74
CA GLU A 209 -14.58 -16.27 6.51
C GLU A 209 -13.71 -17.00 5.53
N VAL A 210 -13.51 -18.29 5.77
CA VAL A 210 -12.53 -19.08 5.01
C VAL A 210 -13.06 -20.46 4.81
N GLU A 211 -12.41 -21.20 3.94
CA GLU A 211 -12.88 -22.53 3.53
C GLU A 211 -12.09 -23.61 4.17
N GLU A 212 -10.98 -23.24 4.78
CA GLU A 212 -10.15 -24.18 5.46
C GLU A 212 -9.42 -23.50 6.64
N ILE A 213 -9.37 -24.20 7.77
CA ILE A 213 -8.56 -23.77 8.89
C ILE A 213 -7.39 -24.70 9.08
N VAL A 214 -6.17 -24.16 9.06
CA VAL A 214 -5.00 -25.00 9.13
C VAL A 214 -4.34 -24.73 10.44
N PRO A 215 -3.47 -25.64 10.87
CA PRO A 215 -2.82 -25.37 12.16
C PRO A 215 -1.74 -24.29 12.07
N ILE A 216 -1.47 -23.64 13.20
CA ILE A 216 -0.34 -22.73 13.32
C ILE A 216 0.91 -23.40 12.75
N GLY A 217 1.52 -22.78 11.74
CA GLY A 217 2.73 -23.29 11.14
C GLY A 217 2.50 -23.71 9.70
N ALA A 218 1.30 -24.24 9.46
CA ALA A 218 0.91 -24.68 8.08
C ALA A 218 0.97 -23.58 7.00
N LEU A 219 0.71 -22.32 7.37
CA LEU A 219 0.91 -21.17 6.48
C LEU A 219 2.29 -20.65 6.77
N SER A 220 3.18 -20.85 5.83
CA SER A 220 4.56 -20.49 6.05
C SER A 220 4.61 -18.96 6.08
N PRO A 221 5.63 -18.42 6.77
CA PRO A 221 5.77 -16.96 6.97
C PRO A 221 5.94 -16.11 5.71
N ASP A 222 6.45 -16.69 4.64
CA ASP A 222 6.68 -15.95 3.40
C ASP A 222 5.58 -16.19 2.40
N GLU A 223 4.55 -16.95 2.79
CA GLU A 223 3.39 -17.18 1.91
C GLU A 223 2.10 -16.54 2.43
N ILE A 224 2.12 -16.01 3.64
CA ILE A 224 0.96 -15.39 4.20
C ILE A 224 0.63 -14.07 3.45
N HIS A 225 -0.63 -13.90 3.06
CA HIS A 225 -1.09 -12.69 2.37
C HIS A 225 -1.56 -11.61 3.34
N VAL A 226 -2.27 -12.00 4.40
CA VAL A 226 -2.66 -11.07 5.43
C VAL A 226 -2.21 -11.59 6.78
N PRO A 227 -1.32 -10.84 7.45
CA PRO A 227 -0.88 -11.12 8.82
C PRO A 227 -2.03 -11.07 9.83
N GLY A 228 -1.98 -11.96 10.80
CA GLY A 228 -3.09 -12.16 11.66
C GLY A 228 -3.52 -10.96 12.47
N ILE A 229 -2.61 -10.03 12.64
CA ILE A 229 -2.82 -8.82 13.43
C ILE A 229 -4.00 -8.06 12.88
N TYR A 230 -4.21 -8.15 11.56
CA TYR A 230 -5.38 -7.49 10.99
C TYR A 230 -6.67 -8.19 11.27
N ILE A 231 -6.66 -9.34 11.88
CA ILE A 231 -7.91 -10.04 11.90
C ILE A 231 -8.32 -10.52 13.27
N ASN A 232 -9.56 -10.22 13.64
CA ASN A 232 -10.02 -10.39 14.99
C ASN A 232 -10.77 -11.70 15.18
N ARG A 233 -11.62 -12.01 14.20
CA ARG A 233 -12.46 -13.17 14.25
C ARG A 233 -12.39 -13.98 12.98
N ILE A 234 -12.46 -15.31 13.11
CA ILE A 234 -12.31 -16.28 12.01
C ILE A 234 -13.48 -17.26 11.97
N PHE A 235 -14.09 -17.48 10.81
CA PHE A 235 -15.19 -18.43 10.63
C PHE A 235 -14.97 -19.30 9.42
N LYS A 236 -15.09 -20.61 9.60
CA LYS A 236 -15.03 -21.53 8.47
C LYS A 236 -16.41 -21.86 7.90
N GLY A 237 -16.75 -21.34 6.74
CA GLY A 237 -18.01 -21.70 6.08
C GLY A 237 -17.83 -22.98 5.28
N THR A 238 -18.92 -23.64 4.90
CA THR A 238 -18.72 -24.93 4.27
C THR A 238 -19.58 -25.29 3.08
N ASN A 239 -20.58 -24.53 2.73
CA ASN A 239 -21.31 -24.90 1.50
C ASN A 239 -21.50 -23.68 0.66
N TYR A 240 -20.40 -23.27 0.03
CA TYR A 240 -20.34 -21.98 -0.60
C TYR A 240 -21.01 -22.06 -1.95
N ASN A 241 -21.85 -21.06 -2.25
CA ASN A 241 -22.56 -21.01 -3.51
C ASN A 241 -21.79 -20.07 -4.41
N LYS A 242 -20.63 -20.56 -4.84
CA LYS A 242 -19.76 -19.82 -5.76
C LYS A 242 -20.27 -19.94 -7.21
N ARG A 243 -20.62 -18.80 -7.79
CA ARG A 243 -21.07 -18.75 -9.16
C ARG A 243 -20.09 -17.89 -9.99
N VAL A 244 -20.09 -18.11 -11.30
CA VAL A 244 -19.60 -17.16 -12.28
C VAL A 244 -20.78 -16.38 -12.90
N GLU A 245 -20.65 -15.05 -12.93
CA GLU A 245 -21.76 -14.18 -13.32
C GLU A 245 -21.95 -14.17 -14.82
N ARG A 246 -20.84 -14.22 -15.57
CA ARG A 246 -20.87 -14.31 -17.02
C ARG A 246 -20.01 -15.45 -17.48
N LEU A 247 -20.65 -16.60 -17.65
CA LEU A 247 -19.99 -17.82 -18.06
C LEU A 247 -19.43 -17.60 -19.45
N ARG A 248 -18.20 -18.03 -19.67
CA ARG A 248 -17.57 -17.98 -21.00
C ARG A 248 -16.67 -19.19 -21.13
N ILE A 249 -16.79 -19.89 -22.26
CA ILE A 249 -16.10 -21.15 -22.54
C ILE A 249 -15.42 -21.04 -23.90
N THR A 250 -14.35 -21.79 -24.09
CA THR A 250 -13.83 -22.06 -25.41
C THR A 250 -14.19 -23.51 -25.70
N GLU A 251 -14.83 -23.80 -26.83
CA GLU A 251 -15.21 -25.17 -27.18
C GLU A 251 -14.40 -25.70 -28.38
N PRO A 252 -13.29 -26.44 -28.14
CA PRO A 252 -12.73 -27.29 -29.21
C PRO A 252 -13.63 -28.49 -29.46
N ASN A 263 -20.12 -13.25 -37.71
CA ASN A 263 -21.41 -12.73 -37.28
C ASN A 263 -21.45 -11.23 -37.55
N PRO A 264 -22.63 -10.66 -37.81
CA PRO A 264 -22.73 -9.34 -38.51
C PRO A 264 -22.09 -8.06 -37.87
N ALA A 265 -22.49 -7.67 -36.66
CA ALA A 265 -21.76 -6.60 -35.96
C ALA A 265 -20.32 -7.07 -35.61
N GLN A 266 -20.14 -8.38 -35.46
CA GLN A 266 -18.82 -8.92 -35.21
C GLN A 266 -17.83 -8.68 -36.35
N VAL A 267 -18.30 -8.52 -37.56
CA VAL A 267 -17.39 -8.33 -38.69
C VAL A 267 -16.66 -7.01 -38.63
N LEU A 268 -17.35 -5.93 -38.30
CA LEU A 268 -16.65 -4.62 -38.11
C LEU A 268 -15.84 -4.59 -36.81
N ARG A 269 -16.34 -5.24 -35.77
CA ARG A 269 -15.55 -5.45 -34.55
C ARG A 269 -14.18 -6.10 -34.84
N GLU A 270 -14.10 -7.05 -35.77
CA GLU A 270 -12.85 -7.70 -36.05
C GLU A 270 -11.91 -6.77 -36.81
N ARG A 271 -12.45 -5.89 -37.65
CA ARG A 271 -11.57 -4.99 -38.41
C ARG A 271 -10.90 -4.06 -37.44
N ILE A 272 -11.71 -3.48 -36.57
CA ILE A 272 -11.21 -2.59 -35.56
C ILE A 272 -10.10 -3.26 -34.72
N ALA A 273 -10.38 -4.48 -34.26
CA ALA A 273 -9.45 -5.28 -33.44
C ALA A 273 -8.20 -5.63 -34.22
N ARG A 274 -8.38 -5.96 -35.49
CA ARG A 274 -7.23 -6.27 -36.30
C ARG A 274 -6.36 -5.05 -36.56
N ARG A 275 -6.90 -3.85 -36.43
CA ARG A 275 -6.12 -2.63 -36.46
C ARG A 275 -5.42 -2.33 -35.11
N VAL A 276 -6.11 -2.50 -33.98
CA VAL A 276 -5.44 -2.20 -32.69
C VAL A 276 -4.36 -3.23 -32.42
N ALA A 277 -4.57 -4.45 -32.85
CA ALA A 277 -3.57 -5.48 -32.67
C ALA A 277 -2.20 -4.99 -33.11
N LEU A 278 -2.17 -4.18 -34.16
CA LEU A 278 -0.91 -3.64 -34.62
C LEU A 278 -0.16 -2.81 -33.58
N GLU A 279 -0.82 -2.34 -32.53
CA GLU A 279 -0.19 -1.48 -31.52
C GLU A 279 0.59 -2.29 -30.41
N PHE A 280 0.40 -3.60 -30.41
CA PHE A 280 1.12 -4.48 -29.50
C PHE A 280 2.57 -4.70 -29.90
N HIS A 281 3.48 -4.67 -28.92
CA HIS A 281 4.87 -5.04 -29.10
C HIS A 281 5.28 -6.04 -28.05
N ASP A 282 6.30 -6.82 -28.35
CA ASP A 282 6.83 -7.78 -27.37
C ASP A 282 7.24 -7.02 -26.10
N GLY A 283 6.91 -7.58 -24.95
CA GLY A 283 7.30 -7.02 -23.65
C GLY A 283 6.28 -6.08 -23.04
N MET A 284 5.17 -5.91 -23.72
CA MET A 284 4.30 -4.85 -23.37
C MET A 284 3.34 -5.30 -22.30
N TYR A 285 2.94 -4.33 -21.46
CA TYR A 285 1.92 -4.51 -20.46
C TYR A 285 0.70 -3.69 -20.84
N ALA A 286 -0.44 -4.37 -21.00
CA ALA A 286 -1.68 -3.72 -21.45
C ALA A 286 -2.90 -4.06 -20.61
N ASN A 287 -3.83 -3.12 -20.57
CA ASN A 287 -5.13 -3.36 -19.97
C ASN A 287 -6.15 -3.22 -21.07
N LEU A 288 -6.97 -4.23 -21.24
CA LEU A 288 -8.00 -4.28 -22.27
C LEU A 288 -9.37 -4.28 -21.61
N GLY A 289 -10.22 -3.32 -22.00
CA GLY A 289 -11.61 -3.27 -21.57
C GLY A 289 -12.37 -4.36 -22.29
N ILE A 290 -13.52 -4.73 -21.76
CA ILE A 290 -14.33 -5.78 -22.36
C ILE A 290 -14.97 -5.24 -23.64
N GLY A 291 -15.22 -6.17 -24.55
CA GLY A 291 -15.75 -5.84 -25.84
C GLY A 291 -14.62 -5.89 -26.82
N ILE A 292 -14.44 -4.80 -27.55
CA ILE A 292 -13.51 -4.79 -28.67
C ILE A 292 -12.06 -4.97 -28.18
N PRO A 293 -11.65 -4.24 -27.14
CA PRO A 293 -10.24 -4.35 -26.75
C PRO A 293 -9.82 -5.78 -26.47
N VAL A 294 -10.65 -6.53 -25.75
CA VAL A 294 -10.35 -7.96 -25.48
C VAL A 294 -10.15 -8.74 -26.80
N LEU A 295 -11.06 -8.50 -27.74
CA LEU A 295 -11.06 -9.20 -29.02
C LEU A 295 -9.69 -9.13 -29.64
N SER A 296 -9.04 -7.98 -29.49
CA SER A 296 -7.76 -7.77 -30.13
C SER A 296 -6.64 -8.64 -29.59
N SER A 297 -6.80 -9.17 -28.36
CA SER A 297 -5.80 -10.09 -27.81
C SER A 297 -5.69 -11.32 -28.72
N ASN A 298 -6.83 -11.81 -29.21
CA ASN A 298 -6.87 -12.98 -30.09
C ASN A 298 -5.96 -12.90 -31.33
N TYR A 299 -5.52 -11.70 -31.70
CA TYR A 299 -4.73 -11.50 -32.92
C TYR A 299 -3.30 -11.10 -32.62
N ILE A 300 -2.78 -11.50 -31.46
CA ILE A 300 -1.40 -11.18 -31.08
C ILE A 300 -0.48 -12.20 -31.75
N PRO A 301 0.42 -11.73 -32.62
CA PRO A 301 1.29 -12.68 -33.30
C PRO A 301 1.93 -13.67 -32.31
N LYS A 302 1.74 -14.97 -32.48
CA LYS A 302 2.57 -15.88 -31.67
C LYS A 302 3.99 -15.74 -32.25
N GLY A 303 5.06 -15.72 -31.45
CA GLY A 303 5.04 -15.71 -30.00
C GLY A 303 5.60 -14.38 -29.50
N MET A 304 4.91 -13.29 -29.88
CA MET A 304 5.03 -12.01 -29.21
C MET A 304 4.43 -12.12 -27.83
N ASN A 305 5.11 -11.51 -26.87
CA ASN A 305 4.78 -11.65 -25.46
C ASN A 305 4.09 -10.39 -24.89
N VAL A 306 2.80 -10.52 -24.65
CA VAL A 306 2.02 -9.42 -24.14
C VAL A 306 1.35 -9.86 -22.86
N MET A 307 1.65 -9.16 -21.77
CA MET A 307 1.08 -9.47 -20.48
C MET A 307 -0.09 -8.53 -20.24
N LEU A 308 -1.26 -9.12 -20.02
CA LEU A 308 -2.54 -8.38 -19.94
C LEU A 308 -2.94 -8.24 -18.50
N GLN A 309 -3.20 -7.01 -18.09
CA GLN A 309 -3.54 -6.73 -16.70
C GLN A 309 -5.03 -6.58 -16.56
N SER A 310 -5.54 -7.09 -15.45
CA SER A 310 -6.93 -7.04 -15.08
C SER A 310 -7.03 -6.27 -13.74
N GLU A 311 -7.93 -5.32 -13.67
CA GLU A 311 -7.99 -4.39 -12.53
C GLU A 311 -8.55 -5.05 -11.26
N ASN A 312 -9.19 -6.19 -11.40
CA ASN A 312 -9.56 -6.97 -10.24
C ASN A 312 -8.41 -7.72 -9.55
N GLY A 313 -7.17 -7.59 -10.04
CA GLY A 313 -6.02 -8.13 -9.32
C GLY A 313 -5.22 -9.28 -9.96
N ILE A 314 -5.05 -9.19 -11.29
CA ILE A 314 -4.41 -10.24 -12.07
C ILE A 314 -3.47 -9.59 -13.09
N LEU A 315 -2.30 -10.18 -13.20
CA LEU A 315 -1.37 -9.88 -14.29
C LEU A 315 -1.07 -11.21 -15.02
N GLY A 316 -1.49 -11.32 -16.27
CA GLY A 316 -1.34 -12.54 -17.02
C GLY A 316 -2.63 -13.22 -17.41
N LEU A 317 -3.60 -12.42 -17.84
CA LEU A 317 -4.87 -12.95 -18.30
C LEU A 317 -4.73 -13.81 -19.51
N GLY A 318 -5.36 -14.96 -19.47
CA GLY A 318 -5.39 -15.86 -20.62
C GLY A 318 -6.76 -15.91 -21.28
N PRO A 319 -6.98 -16.95 -22.11
CA PRO A 319 -8.27 -17.16 -22.79
C PRO A 319 -9.33 -17.80 -21.87
N PHE A 320 -10.58 -17.82 -22.31
CA PHE A 320 -11.63 -18.44 -21.54
C PHE A 320 -11.30 -19.90 -21.30
N PRO A 321 -11.70 -20.45 -20.15
CA PRO A 321 -11.32 -21.81 -19.82
C PRO A 321 -12.17 -22.80 -20.58
N THR A 322 -11.68 -24.02 -20.74
CA THR A 322 -12.56 -25.06 -21.26
C THR A 322 -13.61 -25.35 -20.20
N LYS A 323 -14.72 -25.92 -20.64
CA LYS A 323 -15.85 -26.28 -19.78
C LYS A 323 -15.43 -26.87 -18.46
N ASP A 324 -14.48 -27.80 -18.50
CA ASP A 324 -14.00 -28.48 -17.30
C ASP A 324 -12.99 -27.69 -16.46
N LYS A 325 -12.62 -26.45 -16.84
CA LYS A 325 -11.63 -25.69 -16.05
C LYS A 325 -12.17 -24.40 -15.51
N VAL A 326 -13.48 -24.20 -15.62
CA VAL A 326 -14.12 -23.02 -15.11
C VAL A 326 -13.92 -22.92 -13.61
N ASP A 327 -13.40 -21.76 -13.15
CA ASP A 327 -13.14 -21.48 -11.73
C ASP A 327 -13.78 -20.15 -11.30
N PRO A 328 -14.70 -20.21 -10.36
CA PRO A 328 -15.37 -18.95 -9.97
C PRO A 328 -14.47 -17.94 -9.28
N ASP A 329 -13.32 -18.39 -8.82
CA ASP A 329 -12.31 -17.55 -8.17
C ASP A 329 -11.38 -16.97 -9.21
N LEU A 330 -11.68 -17.18 -10.49
CA LEU A 330 -10.82 -16.67 -11.57
C LEU A 330 -11.57 -16.00 -12.74
N ILE A 331 -11.73 -14.70 -12.67
CA ILE A 331 -12.55 -13.95 -13.62
C ILE A 331 -11.82 -12.71 -13.99
N ASN A 332 -12.22 -12.12 -15.10
CA ASN A 332 -11.71 -10.82 -15.54
C ASN A 332 -12.56 -9.65 -14.98
N ALA A 333 -12.25 -8.42 -15.36
CA ALA A 333 -12.93 -7.24 -14.83
C ALA A 333 -14.37 -7.17 -15.28
N GLY A 334 -14.68 -7.85 -16.38
CA GLY A 334 -16.03 -7.92 -16.90
C GLY A 334 -16.79 -9.10 -16.29
N LYS A 335 -16.27 -9.67 -15.21
CA LYS A 335 -16.89 -10.79 -14.49
C LYS A 335 -17.01 -12.10 -15.25
N GLU A 336 -16.20 -12.26 -16.32
CA GLU A 336 -16.25 -13.49 -17.11
C GLU A 336 -15.24 -14.49 -16.58
N SER A 337 -15.60 -15.79 -16.56
CA SER A 337 -14.64 -16.82 -16.16
C SER A 337 -13.49 -16.86 -17.14
N VAL A 338 -12.29 -16.97 -16.63
CA VAL A 338 -11.13 -16.70 -17.44
C VAL A 338 -10.01 -17.69 -17.09
N THR A 339 -8.84 -17.58 -17.70
CA THR A 339 -7.66 -18.36 -17.22
C THR A 339 -6.48 -17.44 -17.09
N VAL A 340 -5.36 -17.98 -16.67
CA VAL A 340 -4.09 -17.26 -16.68
C VAL A 340 -2.96 -18.04 -17.37
N VAL A 341 -2.02 -17.27 -17.90
CA VAL A 341 -0.89 -17.85 -18.61
C VAL A 341 0.21 -18.23 -17.63
N PRO A 342 1.20 -19.00 -18.08
CA PRO A 342 2.35 -19.20 -17.18
C PRO A 342 3.04 -17.87 -16.78
N GLY A 343 3.40 -17.74 -15.51
CA GLY A 343 4.04 -16.52 -14.98
C GLY A 343 3.06 -15.45 -14.49
N ALA A 344 1.79 -15.79 -14.41
CA ALA A 344 0.78 -14.90 -13.90
C ALA A 344 1.00 -14.62 -12.44
N SER A 345 0.52 -13.48 -11.98
CA SER A 345 0.52 -13.17 -10.55
C SER A 345 -0.81 -12.59 -10.15
N TYR A 346 -1.16 -12.79 -8.88
CA TYR A 346 -2.39 -12.33 -8.31
C TYR A 346 -2.07 -11.34 -7.25
N PHE A 347 -2.95 -10.34 -7.08
CA PHE A 347 -2.72 -9.25 -6.06
C PHE A 347 -3.99 -8.51 -5.75
N GLY A 348 -3.96 -7.69 -4.70
CA GLY A 348 -5.16 -6.99 -4.25
C GLY A 348 -5.56 -5.85 -5.15
N SER A 349 -6.81 -5.45 -5.02
CA SER A 349 -7.33 -4.29 -5.76
C SER A 349 -6.54 -3.01 -5.53
N ASP A 350 -6.05 -2.79 -4.32
CA ASP A 350 -5.17 -1.61 -4.07
C ASP A 350 -3.89 -1.68 -4.91
N ASP A 351 -3.25 -2.85 -4.89
CA ASP A 351 -2.01 -3.06 -5.65
C ASP A 351 -2.27 -2.85 -7.16
N SER A 352 -3.35 -3.42 -7.65
CA SER A 352 -3.77 -3.30 -9.03
C SER A 352 -3.85 -1.88 -9.49
N PHE A 353 -4.53 -1.02 -8.73
CA PHE A 353 -4.64 0.38 -9.13
C PHE A 353 -3.40 1.19 -8.83
N ALA A 354 -2.55 0.73 -7.92
CA ALA A 354 -1.26 1.38 -7.77
C ALA A 354 -0.52 1.17 -9.08
N MET A 355 -0.54 -0.07 -9.53
CA MET A 355 0.15 -0.42 -10.74
C MET A 355 -0.25 0.60 -11.81
N ILE A 356 -1.55 0.87 -11.92
CA ILE A 356 -2.14 1.72 -12.98
C ILE A 356 -1.89 3.21 -12.73
N ARG A 357 -2.31 3.69 -11.56
CA ARG A 357 -2.18 5.10 -11.21
C ARG A 357 -0.75 5.48 -11.24
N GLY A 358 0.13 4.56 -10.86
CA GLY A 358 1.59 4.77 -10.87
C GLY A 358 2.23 4.79 -12.25
N GLY A 359 1.45 4.47 -13.29
CA GLY A 359 1.95 4.54 -14.67
C GLY A 359 2.61 3.28 -15.22
N HIS A 360 2.48 2.16 -14.52
CA HIS A 360 3.27 0.96 -14.83
C HIS A 360 2.74 0.10 -15.98
N VAL A 361 1.48 0.35 -16.35
CA VAL A 361 0.85 -0.27 -17.51
C VAL A 361 1.15 0.57 -18.76
N ASP A 362 1.59 -0.05 -19.85
CA ASP A 362 2.10 0.71 -21.00
C ASP A 362 0.95 1.34 -21.79
N ILE A 363 -0.15 0.58 -21.96
CA ILE A 363 -1.18 0.93 -22.90
C ILE A 363 -2.55 0.49 -22.38
N THR A 364 -3.56 1.29 -22.68
CA THR A 364 -4.91 0.97 -22.29
C THR A 364 -5.77 1.08 -23.52
N ILE A 365 -6.63 0.09 -23.72
CA ILE A 365 -7.57 0.08 -24.83
C ILE A 365 -8.97 -0.08 -24.30
N LEU A 366 -9.84 0.88 -24.67
CA LEU A 366 -11.23 0.92 -24.19
C LEU A 366 -12.26 1.33 -25.23
N GLY A 367 -13.52 1.04 -24.95
CA GLY A 367 -14.62 1.51 -25.72
C GLY A 367 -15.03 2.87 -25.23
N ALA A 368 -16.03 3.42 -25.92
CA ALA A 368 -16.63 4.69 -25.51
C ALA A 368 -18.00 4.93 -26.15
N MET A 369 -18.83 5.71 -25.45
CA MET A 369 -20.10 6.19 -25.97
C MET A 369 -19.81 7.42 -26.83
N GLU A 370 -19.05 8.35 -26.29
CA GLU A 370 -18.59 9.54 -27.02
C GLU A 370 -17.11 9.86 -26.73
N VAL A 371 -16.54 10.60 -27.65
CA VAL A 371 -15.15 10.98 -27.64
C VAL A 371 -15.08 12.42 -28.17
N SER A 372 -14.15 13.26 -27.73
CA SER A 372 -14.10 14.64 -28.26
C SER A 372 -12.83 14.95 -29.06
N ALA A 373 -12.85 16.08 -29.73
CA ALA A 373 -11.75 16.48 -30.62
C ALA A 373 -10.47 16.67 -29.87
N THR A 374 -10.59 17.06 -28.60
CA THR A 374 -9.41 17.41 -27.82
C THR A 374 -8.93 16.24 -26.97
N GLY A 375 -9.61 15.09 -27.08
CA GLY A 375 -9.22 13.88 -26.37
C GLY A 375 -10.08 13.53 -25.19
N ASP A 376 -11.15 14.26 -24.98
CA ASP A 376 -12.07 13.96 -23.87
C ASP A 376 -12.74 12.59 -24.10
N LEU A 377 -13.11 11.92 -23.01
CA LEU A 377 -13.77 10.61 -23.05
C LEU A 377 -14.98 10.63 -22.15
N ALA A 378 -16.11 10.13 -22.65
CA ALA A 378 -17.34 9.98 -21.83
C ALA A 378 -17.94 8.57 -21.88
N ASN A 379 -18.24 8.05 -20.69
CA ASN A 379 -19.21 6.96 -20.46
C ASN A 379 -20.21 7.50 -19.37
N TRP A 380 -20.83 6.59 -18.59
CA TRP A 380 -21.94 6.91 -17.64
C TRP A 380 -23.22 7.20 -18.45
N MET A 381 -23.90 8.33 -18.20
CA MET A 381 -25.12 8.68 -19.01
C MET A 381 -25.59 10.13 -18.76
N VAL A 387 -17.70 5.43 -9.50
CA VAL A 387 -17.99 6.46 -10.48
C VAL A 387 -16.88 6.54 -11.48
N LYS A 388 -16.71 5.57 -12.38
CA LYS A 388 -17.45 4.29 -12.41
C LYS A 388 -16.62 3.23 -13.14
N MET A 390 -17.65 -1.24 -17.47
CA MET A 390 -17.50 -0.06 -16.61
C MET A 390 -16.04 0.22 -16.19
N GLY A 391 -15.40 -0.79 -15.60
CA GLY A 391 -14.14 -0.60 -14.87
C GLY A 391 -14.24 0.49 -13.79
N GLY A 392 -13.19 1.26 -13.53
CA GLY A 392 -11.83 1.09 -14.06
C GLY A 392 -11.42 2.20 -15.02
N ALA A 393 -12.36 2.60 -15.87
CA ALA A 393 -12.11 3.56 -16.92
C ALA A 393 -11.46 4.87 -16.44
N MET A 394 -11.98 5.52 -15.38
CA MET A 394 -11.42 6.82 -14.95
C MET A 394 -10.00 6.69 -14.53
N ASP A 395 -9.72 5.62 -13.80
CA ASP A 395 -8.38 5.38 -13.31
C ASP A 395 -7.41 5.08 -14.44
N LEU A 396 -7.86 4.28 -15.38
CA LEU A 396 -7.04 3.88 -16.47
C LEU A 396 -6.63 5.08 -17.31
N VAL A 397 -7.59 5.91 -17.67
CA VAL A 397 -7.29 7.03 -18.56
C VAL A 397 -6.63 8.19 -17.83
N ALA A 398 -6.72 8.24 -16.51
CA ALA A 398 -6.00 9.28 -15.71
C ALA A 398 -4.55 8.96 -15.47
N ALA A 399 -4.12 7.76 -15.80
CA ALA A 399 -2.79 7.26 -15.46
C ALA A 399 -1.70 7.97 -16.28
N PRO A 400 -0.56 8.32 -15.65
CA PRO A 400 0.49 9.03 -16.36
C PRO A 400 1.31 8.11 -17.28
N GLY A 401 1.79 8.64 -18.40
CA GLY A 401 2.68 7.94 -19.30
C GLY A 401 2.07 6.63 -19.72
N THR A 402 0.79 6.67 -20.04
CA THR A 402 0.08 5.48 -20.39
C THR A 402 -0.67 5.76 -21.68
N LYS A 403 -0.48 4.95 -22.72
CA LYS A 403 -1.11 5.22 -23.99
C LYS A 403 -2.55 4.77 -23.96
N VAL A 404 -3.44 5.69 -24.30
CA VAL A 404 -4.88 5.46 -24.20
C VAL A 404 -5.41 5.40 -25.59
N ILE A 405 -5.93 4.23 -25.94
CA ILE A 405 -6.52 3.99 -27.25
C ILE A 405 -7.98 3.68 -27.11
N ILE A 406 -8.82 4.43 -27.83
CA ILE A 406 -10.25 4.15 -27.80
C ILE A 406 -10.66 3.35 -29.02
N THR A 407 -11.41 2.27 -28.81
CA THR A 407 -11.92 1.49 -29.94
C THR A 407 -13.41 1.63 -29.99
N MET A 408 -13.99 2.20 -31.05
CA MET A 408 -15.45 2.33 -31.11
C MET A 408 -16.06 2.34 -32.51
N GLU A 409 -17.33 1.98 -32.62
CA GLU A 409 -18.06 2.18 -33.85
C GLU A 409 -18.11 3.68 -34.07
N HIS A 410 -17.88 4.08 -35.31
CA HIS A 410 -17.68 5.48 -35.65
C HIS A 410 -18.92 6.32 -35.44
N ASN A 411 -20.06 5.77 -35.79
CA ASN A 411 -21.34 6.48 -35.56
C ASN A 411 -22.43 5.48 -35.44
N ALA A 412 -23.59 6.05 -35.12
CA ALA A 412 -24.84 5.31 -35.19
C ALA A 412 -25.33 5.29 -36.63
N ARG A 413 -26.07 4.23 -36.98
CA ARG A 413 -26.58 3.97 -38.34
C ARG A 413 -27.26 5.18 -38.99
N ASP A 414 -27.99 5.96 -38.19
CA ASP A 414 -28.66 7.17 -38.69
C ASP A 414 -27.65 8.29 -38.97
N GLY A 415 -26.36 7.98 -38.87
CA GLY A 415 -25.33 8.99 -39.14
C GLY A 415 -25.17 9.88 -37.94
N SER A 416 -25.49 9.38 -36.74
CA SER A 416 -25.27 10.18 -35.54
C SER A 416 -23.83 10.06 -35.13
N PRO A 417 -23.08 11.16 -35.24
CA PRO A 417 -21.66 11.10 -34.86
C PRO A 417 -21.44 10.74 -33.38
N LYS A 418 -20.38 9.98 -33.10
CA LYS A 418 -19.93 9.70 -31.73
C LYS A 418 -18.60 10.40 -31.41
N ILE A 419 -18.00 10.94 -32.46
CA ILE A 419 -16.80 11.70 -32.37
C ILE A 419 -17.20 13.17 -32.52
N LEU A 420 -17.26 13.87 -31.39
CA LEU A 420 -17.78 15.22 -31.38
C LEU A 420 -16.73 16.31 -31.19
N ASP A 421 -17.18 17.56 -31.30
CA ASP A 421 -16.35 18.73 -30.95
C ASP A 421 -16.26 18.79 -29.42
N THR A 422 -17.42 18.76 -28.75
CA THR A 422 -17.45 18.55 -27.30
C THR A 422 -18.41 17.43 -26.98
N CYS A 423 -18.14 16.70 -25.92
CA CYS A 423 -19.01 15.63 -25.51
C CYS A 423 -20.31 16.23 -24.93
N SER A 424 -21.43 15.53 -25.12
CA SER A 424 -22.71 15.91 -24.50
C SER A 424 -22.83 15.27 -23.12
N LEU A 425 -22.22 14.10 -22.99
CA LEU A 425 -22.26 13.33 -21.73
C LEU A 425 -21.19 13.74 -20.71
N PRO A 426 -21.43 13.43 -19.43
CA PRO A 426 -20.44 13.45 -18.37
C PRO A 426 -19.14 12.75 -18.75
N LEU A 427 -18.02 13.36 -18.41
CA LEU A 427 -16.72 12.86 -18.82
C LEU A 427 -16.24 11.76 -17.91
N THR A 428 -15.50 10.83 -18.50
CA THR A 428 -14.70 9.87 -17.79
C THR A 428 -13.27 10.45 -17.57
N GLY A 429 -12.77 11.18 -18.57
CA GLY A 429 -11.52 11.95 -18.47
C GLY A 429 -11.48 13.10 -19.48
N LYS A 430 -10.65 14.11 -19.20
CA LYS A 430 -10.46 15.26 -20.07
C LYS A 430 -9.08 15.24 -20.70
N GLY A 431 -9.02 15.36 -22.03
CA GLY A 431 -7.75 15.50 -22.71
C GLY A 431 -6.87 14.32 -22.40
N VAL A 432 -7.42 13.15 -22.69
CA VAL A 432 -6.97 11.92 -22.06
C VAL A 432 -6.60 10.87 -23.11
N ILE A 433 -7.28 10.89 -24.26
CA ILE A 433 -7.11 9.87 -25.29
C ILE A 433 -5.94 10.21 -26.21
N ASP A 434 -5.26 9.18 -26.71
CA ASP A 434 -4.13 9.33 -27.61
C ASP A 434 -4.41 8.97 -29.07
N MET A 435 -5.31 7.99 -29.26
CA MET A 435 -5.62 7.38 -30.56
C MET A 435 -7.08 6.91 -30.55
N ILE A 436 -7.77 7.11 -31.67
CA ILE A 436 -9.14 6.66 -31.82
C ILE A 436 -9.22 5.78 -33.04
N ILE A 437 -9.74 4.59 -32.89
CA ILE A 437 -9.81 3.64 -33.98
C ILE A 437 -11.25 3.22 -34.16
N SER A 438 -11.85 3.63 -35.29
CA SER A 438 -13.18 3.20 -35.64
C SER A 438 -13.08 2.11 -36.72
N GLU A 439 -14.22 1.71 -37.27
CA GLU A 439 -14.24 0.79 -38.41
C GLU A 439 -13.94 1.52 -39.70
N LYS A 440 -14.04 2.86 -39.70
CA LYS A 440 -13.82 3.70 -40.87
C LYS A 440 -12.47 4.41 -40.93
N ALA A 441 -11.88 4.72 -39.77
CA ALA A 441 -10.83 5.76 -39.70
C ALA A 441 -9.96 5.58 -38.47
N VAL A 442 -8.75 6.13 -38.54
CA VAL A 442 -7.87 6.17 -37.39
C VAL A 442 -7.46 7.62 -37.17
N PHE A 443 -7.69 8.13 -35.96
CA PHE A 443 -7.19 9.45 -35.58
C PHE A 443 -6.06 9.37 -34.54
N THR A 444 -5.18 10.37 -34.53
CA THR A 444 -4.27 10.60 -33.41
C THR A 444 -4.78 11.90 -32.82
N VAL A 445 -4.59 12.07 -31.53
CA VAL A 445 -5.09 13.20 -30.79
C VAL A 445 -3.90 13.95 -30.23
N GLU A 446 -3.92 15.26 -30.37
CA GLU A 446 -2.97 16.07 -29.64
C GLU A 446 -3.83 16.56 -28.52
N LYS A 447 -3.63 15.99 -27.34
CA LYS A 447 -4.55 16.19 -26.22
C LYS A 447 -4.69 17.66 -25.94
N GLY A 448 -5.93 18.09 -25.78
CA GLY A 448 -6.23 19.48 -25.52
C GLY A 448 -6.33 20.37 -26.74
N VAL A 449 -5.85 19.92 -27.90
CA VAL A 449 -5.81 20.75 -29.13
C VAL A 449 -6.68 20.23 -30.33
N GLY A 450 -6.47 19.01 -30.83
CA GLY A 450 -7.35 18.48 -31.86
C GLY A 450 -7.00 17.12 -32.44
N LEU A 451 -7.80 16.70 -33.42
CA LEU A 451 -7.65 15.40 -34.10
C LEU A 451 -6.82 15.45 -35.36
N THR A 452 -6.33 14.31 -35.77
CA THR A 452 -5.66 14.22 -37.05
C THR A 452 -6.05 12.89 -37.66
N LEU A 453 -6.72 12.92 -38.81
CA LEU A 453 -7.00 11.68 -39.54
C LEU A 453 -5.72 11.09 -40.12
N ILE A 454 -5.34 9.89 -39.75
CA ILE A 454 -4.14 9.36 -40.32
C ILE A 454 -4.35 8.09 -41.14
N GLU A 455 -5.44 7.37 -40.93
CA GLU A 455 -5.71 6.24 -41.81
C GLU A 455 -7.17 6.25 -42.15
N VAL A 456 -7.53 5.57 -43.22
CA VAL A 456 -8.93 5.43 -43.64
C VAL A 456 -9.09 4.01 -44.15
N ALA A 457 -10.14 3.32 -43.71
CA ALA A 457 -10.35 1.93 -44.09
C ALA A 457 -10.61 1.86 -45.59
N GLU A 458 -10.21 0.74 -46.22
CA GLU A 458 -10.57 0.42 -47.60
C GLU A 458 -12.03 0.77 -47.86
N GLY A 459 -12.29 1.41 -48.99
CA GLY A 459 -13.65 1.63 -49.44
C GLY A 459 -14.24 2.95 -49.00
N TYR A 460 -13.63 3.61 -48.00
CA TYR A 460 -14.15 4.89 -47.54
C TYR A 460 -13.27 6.00 -48.08
N THR A 461 -13.81 7.23 -48.08
CA THR A 461 -13.09 8.44 -48.48
C THR A 461 -13.11 9.48 -47.38
N VAL A 462 -12.21 10.43 -47.50
CA VAL A 462 -12.17 11.53 -46.55
C VAL A 462 -13.49 12.27 -46.47
N ASP A 463 -14.17 12.39 -47.59
CA ASP A 463 -15.48 13.05 -47.56
C ASP A 463 -16.49 12.26 -46.72
N ASP A 464 -16.40 10.92 -46.75
CA ASP A 464 -17.27 10.13 -45.87
C ASP A 464 -16.98 10.38 -44.41
N ILE A 465 -15.69 10.41 -44.10
CA ILE A 465 -15.29 10.60 -42.74
C ILE A 465 -15.66 11.99 -42.27
N ILE A 466 -15.59 13.00 -43.14
CA ILE A 466 -16.03 14.36 -42.75
C ILE A 466 -17.51 14.36 -42.42
N ALA A 467 -18.27 13.58 -43.17
CA ALA A 467 -19.73 13.60 -43.10
C ALA A 467 -20.25 12.82 -41.90
N SER A 468 -19.61 11.71 -41.57
CA SER A 468 -19.84 11.09 -40.26
C SER A 468 -18.81 11.92 -39.47
N THR A 469 -18.60 11.75 -38.19
CA THR A 469 -17.73 12.76 -37.50
C THR A 469 -18.21 14.21 -37.33
N GLY A 470 -18.63 14.55 -36.12
CA GLY A 470 -18.98 15.91 -35.77
C GLY A 470 -17.79 16.84 -35.59
N ALA A 471 -16.65 16.26 -35.26
CA ALA A 471 -15.46 17.05 -34.96
C ALA A 471 -14.75 17.50 -36.22
N LYS A 472 -14.27 18.74 -36.18
CA LYS A 472 -13.35 19.21 -37.19
C LYS A 472 -12.08 18.39 -37.01
N PHE A 473 -11.33 18.20 -38.07
CA PHE A 473 -10.02 17.54 -37.92
C PHE A 473 -9.15 17.90 -39.06
N THR A 474 -7.85 17.73 -38.86
CA THR A 474 -6.93 17.99 -39.91
C THR A 474 -6.60 16.63 -40.51
N VAL A 475 -6.61 16.56 -41.83
CA VAL A 475 -6.30 15.34 -42.57
C VAL A 475 -4.82 15.23 -42.74
N SER A 476 -4.23 14.13 -42.32
CA SER A 476 -2.81 14.00 -42.47
C SER A 476 -2.51 14.11 -43.94
N PRO A 477 -1.80 15.17 -44.39
CA PRO A 477 -1.39 15.11 -45.81
C PRO A 477 -0.71 13.76 -46.14
N ASN A 478 -0.21 13.07 -45.11
CA ASN A 478 0.45 11.79 -45.26
C ASN A 478 -0.39 10.55 -44.87
N LEU A 479 -1.71 10.62 -45.02
CA LEU A 479 -2.59 9.49 -44.62
C LEU A 479 -2.41 8.26 -45.43
N LYS A 480 -2.82 7.11 -44.90
CA LYS A 480 -2.85 5.87 -45.68
C LYS A 480 -4.09 4.98 -45.47
N LYS A 481 -4.08 3.80 -46.09
CA LYS A 481 -5.12 2.80 -45.86
C LYS A 481 -4.99 2.23 -44.44
N MET A 482 -6.13 1.97 -43.77
CA MET A 482 -6.12 1.40 -42.42
C MET A 482 -5.50 0.02 -42.45
N GLY A 483 -4.45 -0.16 -41.66
CA GLY A 483 -3.80 -1.46 -41.55
C GLY A 483 -4.67 -2.50 -40.88
N GLN A 484 -4.30 -3.76 -41.12
CA GLN A 484 -5.01 -4.92 -40.60
C GLN A 484 -4.00 -6.00 -40.30
N ILE A 485 -4.00 -6.52 -39.10
CA ILE A 485 -3.00 -7.51 -38.77
C ILE A 485 -3.42 -8.83 -39.44
N PRO A 486 -2.46 -9.67 -39.83
CA PRO A 486 -2.69 -11.07 -40.17
C PRO A 486 -3.40 -11.84 -39.06
N GLY B 5 10.26 -8.06 -17.03
CA GLY B 5 11.64 -8.55 -16.72
C GLY B 5 12.61 -8.68 -17.89
N LYS B 6 13.93 -8.79 -17.64
CA LYS B 6 14.91 -9.31 -18.64
C LYS B 6 16.28 -9.58 -17.99
N ILE B 7 16.82 -10.78 -18.23
CA ILE B 7 17.98 -11.27 -17.51
C ILE B 7 19.31 -10.73 -18.06
N TYR B 8 20.19 -10.29 -17.17
CA TYR B 8 21.52 -9.76 -17.55
C TYR B 8 22.57 -10.69 -17.00
N GLU B 9 23.52 -11.14 -17.82
CA GLU B 9 24.58 -12.01 -17.27
C GLU B 9 25.59 -11.14 -16.55
N SER B 10 25.60 -9.85 -16.83
CA SER B 10 26.61 -8.97 -16.26
C SER B 10 26.02 -7.72 -15.62
N ALA B 11 26.34 -7.54 -14.35
CA ALA B 11 25.90 -6.39 -13.58
C ALA B 11 26.26 -5.09 -14.20
N ILE B 12 27.47 -4.97 -14.73
CA ILE B 12 27.95 -3.69 -15.20
C ILE B 12 27.14 -3.28 -16.44
N ASP B 13 26.60 -4.27 -17.15
CA ASP B 13 25.70 -3.98 -18.28
C ASP B 13 24.38 -3.44 -17.80
N ALA B 14 23.99 -3.92 -16.62
CA ALA B 14 22.72 -3.56 -16.00
C ALA B 14 22.62 -2.09 -15.54
N VAL B 15 23.75 -1.50 -15.20
CA VAL B 15 23.80 -0.08 -14.80
C VAL B 15 24.36 0.82 -15.86
N ALA B 16 24.59 0.30 -17.06
CA ALA B 16 25.23 1.07 -18.11
C ALA B 16 24.59 2.46 -18.39
N ASP B 17 23.26 2.58 -18.28
CA ASP B 17 22.60 3.88 -18.58
C ASP B 17 22.27 4.77 -17.36
N VAL B 18 22.94 4.52 -16.24
CA VAL B 18 22.75 5.32 -15.05
C VAL B 18 23.59 6.57 -15.13
N GLN B 19 22.91 7.69 -15.27
CA GLN B 19 23.45 9.05 -15.40
C GLN B 19 23.95 9.68 -14.10
N ASP B 20 24.94 10.56 -14.15
CA ASP B 20 25.26 11.41 -12.99
C ASP B 20 24.03 12.21 -12.57
N GLY B 21 23.89 12.43 -11.27
CA GLY B 21 22.74 13.18 -10.74
C GLY B 21 21.46 12.36 -10.56
N ALA B 22 21.54 11.05 -10.76
CA ALA B 22 20.38 10.16 -10.70
C ALA B 22 19.94 10.04 -9.27
N GLN B 23 18.63 10.00 -9.10
CA GLN B 23 18.03 9.62 -7.83
C GLN B 23 17.90 8.11 -7.86
N ILE B 24 18.50 7.46 -6.89
CA ILE B 24 18.51 6.03 -6.86
C ILE B 24 18.04 5.47 -5.53
N LEU B 25 17.07 4.56 -5.59
CA LEU B 25 16.60 3.86 -4.40
C LEU B 25 17.48 2.62 -4.16
N PHE B 26 17.83 2.37 -2.93
CA PHE B 26 18.59 1.19 -2.58
C PHE B 26 17.87 0.45 -1.47
N GLY B 27 17.49 -0.79 -1.74
CA GLY B 27 16.83 -1.62 -0.76
C GLY B 27 17.79 -2.01 0.35
N GLY B 28 17.20 -2.53 1.43
CA GLY B 28 17.95 -2.99 2.55
C GLY B 28 17.61 -2.28 3.86
N PHE B 29 17.68 -3.05 4.93
CA PHE B 29 17.61 -2.54 6.24
C PHE B 29 18.91 -2.92 6.92
N GLY B 30 19.66 -1.92 7.34
CA GLY B 30 21.03 -2.15 7.79
C GLY B 30 21.92 -2.69 6.69
N ILE B 31 22.33 -3.93 6.87
CA ILE B 31 23.05 -4.71 5.86
C ILE B 31 22.22 -5.92 5.44
N CYS B 32 20.95 -5.94 5.84
CA CYS B 32 20.08 -7.04 5.50
C CYS B 32 19.25 -6.74 4.23
N GLY B 33 19.44 -7.55 3.18
CA GLY B 33 18.70 -7.40 1.95
C GLY B 33 19.21 -6.28 1.08
N ILE B 34 20.51 -6.11 1.08
CA ILE B 34 21.10 -5.01 0.35
C ILE B 34 21.50 -5.51 -1.02
N PRO B 35 21.49 -4.61 -2.00
CA PRO B 35 21.84 -4.93 -3.37
C PRO B 35 23.36 -4.84 -3.59
N GLU B 36 24.06 -5.80 -3.03
CA GLU B 36 25.53 -5.84 -2.99
C GLU B 36 26.16 -5.77 -4.37
N LYS B 37 25.64 -6.54 -5.33
CA LYS B 37 26.36 -6.73 -6.59
C LYS B 37 26.15 -5.55 -7.47
N MET B 38 24.94 -4.98 -7.42
CA MET B 38 24.66 -3.79 -8.23
C MET B 38 25.36 -2.59 -7.60
N ILE B 39 25.58 -2.61 -6.30
CA ILE B 39 26.27 -1.50 -5.69
C ILE B 39 27.72 -1.49 -6.11
N ASN B 40 28.33 -2.65 -6.24
CA ASN B 40 29.72 -2.76 -6.74
C ASN B 40 29.83 -2.41 -8.20
N ALA B 41 28.79 -2.74 -8.95
CA ALA B 41 28.71 -2.39 -10.35
C ALA B 41 28.70 -0.88 -10.51
N LEU B 42 27.89 -0.20 -9.71
CA LEU B 42 27.88 1.27 -9.67
C LEU B 42 29.15 1.88 -9.20
N LYS B 43 29.78 1.26 -8.19
CA LYS B 43 31.12 1.65 -7.76
C LYS B 43 32.11 1.54 -8.92
N GLN B 44 32.10 0.38 -9.58
CA GLN B 44 32.99 0.17 -10.71
C GLN B 44 32.71 1.17 -11.82
N LYS B 45 31.44 1.52 -12.02
CA LYS B 45 31.12 2.47 -13.06
C LYS B 45 31.53 3.91 -12.71
N GLY B 46 31.60 4.25 -11.44
CA GLY B 46 32.03 5.58 -11.05
C GLY B 46 31.04 6.70 -11.26
N VAL B 47 29.76 6.37 -11.43
CA VAL B 47 28.71 7.39 -11.50
C VAL B 47 28.71 8.30 -10.26
N LYS B 48 28.49 9.59 -10.47
CA LYS B 48 28.73 10.61 -9.46
C LYS B 48 27.44 11.30 -9.09
N ASN B 49 27.46 12.00 -7.95
CA ASN B 49 26.42 12.97 -7.63
C ASN B 49 25.03 12.30 -7.54
N ILE B 50 25.00 11.16 -6.84
CA ILE B 50 23.82 10.37 -6.66
C ILE B 50 23.06 10.91 -5.47
N THR B 51 21.74 11.04 -5.60
CA THR B 51 20.88 11.15 -4.41
C THR B 51 20.45 9.73 -4.03
N GLY B 52 21.01 9.19 -2.98
CA GLY B 52 20.71 7.82 -2.59
C GLY B 52 19.56 7.78 -1.59
N VAL B 53 18.47 7.18 -2.00
CA VAL B 53 17.37 6.96 -1.09
C VAL B 53 17.58 5.60 -0.48
N SER B 54 17.90 5.57 0.82
CA SER B 54 18.10 4.29 1.51
C SER B 54 17.78 4.47 2.96
N ASN B 55 17.30 3.43 3.61
CA ASN B 55 16.87 3.59 4.96
C ASN B 55 18.03 3.94 5.88
N ASN B 56 19.16 3.25 5.65
CA ASN B 56 20.41 3.43 6.40
C ASN B 56 21.55 3.69 5.43
N GLY B 57 22.74 3.98 5.96
CA GLY B 57 23.96 4.07 5.12
C GLY B 57 24.83 2.82 5.16
N GLY B 58 24.22 1.64 5.28
CA GLY B 58 25.01 0.42 5.54
C GLY B 58 25.93 0.67 6.72
N VAL B 59 27.16 0.17 6.64
CA VAL B 59 28.22 0.57 7.56
C VAL B 59 29.41 1.01 6.73
N ASP B 60 30.54 1.28 7.36
CA ASP B 60 31.71 1.68 6.58
C ASP B 60 31.96 0.64 5.49
N ASP B 61 31.90 1.14 4.25
CA ASP B 61 32.20 0.36 3.04
C ASP B 61 31.40 -0.95 2.90
N THR B 62 30.12 -0.93 3.31
CA THR B 62 29.21 -1.96 2.85
C THR B 62 27.83 -1.36 2.58
N GLY B 63 27.12 -1.95 1.62
CA GLY B 63 25.83 -1.44 1.20
C GLY B 63 26.04 -0.07 0.62
N LEU B 64 25.18 0.87 0.96
CA LEU B 64 25.30 2.21 0.41
C LEU B 64 26.63 2.83 0.81
N GLY B 65 27.23 2.30 1.87
CA GLY B 65 28.53 2.79 2.32
C GLY B 65 29.65 2.63 1.31
N VAL B 66 29.50 1.67 0.39
CA VAL B 66 30.51 1.43 -0.65
C VAL B 66 30.62 2.65 -1.55
N LEU B 67 29.49 3.31 -1.80
CA LEU B 67 29.42 4.41 -2.71
C LEU B 67 29.74 5.70 -2.02
N ILE B 68 29.43 5.80 -0.75
CA ILE B 68 29.77 7.02 0.00
C ILE B 68 31.25 7.09 0.25
N LYS B 69 31.86 5.95 0.50
CA LYS B 69 33.28 5.91 0.62
C LYS B 69 33.93 6.53 -0.61
N GLN B 70 33.43 6.23 -1.81
CA GLN B 70 34.06 6.75 -3.03
C GLN B 70 33.48 8.09 -3.45
N LYS B 71 32.74 8.76 -2.55
CA LYS B 71 32.21 10.13 -2.80
C LYS B 71 31.25 10.24 -4.01
N GLN B 72 30.55 9.14 -4.28
CA GLN B 72 29.66 9.04 -5.44
C GLN B 72 28.25 9.55 -5.13
N VAL B 73 28.03 9.86 -3.86
CA VAL B 73 26.71 10.24 -3.36
C VAL B 73 26.75 11.65 -2.84
N SER B 74 25.97 12.55 -3.41
CA SER B 74 25.95 13.93 -2.93
C SER B 74 24.82 14.19 -1.93
N LYS B 75 23.81 13.33 -1.91
CA LYS B 75 22.79 13.46 -0.87
C LYS B 75 22.23 12.12 -0.47
N VAL B 76 21.86 11.98 0.78
CA VAL B 76 21.24 10.77 1.30
C VAL B 76 19.90 11.13 1.91
N ILE B 77 18.85 10.50 1.41
CA ILE B 77 17.58 10.55 2.06
C ILE B 77 17.44 9.21 2.75
N GLY B 78 17.16 9.25 4.04
CA GLY B 78 17.03 8.07 4.87
C GLY B 78 16.50 8.41 6.25
N SER B 79 16.56 7.42 7.14
CA SER B 79 15.98 7.58 8.47
C SER B 79 17.00 7.44 9.58
N TYR B 80 18.06 6.69 9.35
CA TYR B 80 19.05 6.49 10.41
C TYR B 80 20.41 6.18 9.79
N VAL B 81 21.38 7.04 10.05
CA VAL B 81 22.68 6.92 9.42
C VAL B 81 23.86 6.81 10.41
N GLY B 82 23.56 6.76 11.71
CA GLY B 82 24.56 6.57 12.76
C GLY B 82 25.68 5.59 12.48
N GLU B 83 25.34 4.32 12.25
CA GLU B 83 26.30 3.21 12.09
C GLU B 83 27.42 3.40 11.02
N ASN B 84 27.23 4.30 10.06
CA ASN B 84 28.28 4.69 9.10
C ASN B 84 28.96 6.00 9.50
N THR B 85 30.14 5.88 10.08
CA THR B 85 30.89 7.02 10.58
C THR B 85 31.47 7.88 9.44
N GLU B 86 31.88 7.24 8.35
CA GLU B 86 32.37 7.96 7.18
C GLU B 86 31.30 8.90 6.65
N LEU B 87 30.08 8.39 6.64
CA LEU B 87 28.91 9.14 6.19
C LEU B 87 28.66 10.33 7.11
N VAL B 88 28.70 10.11 8.41
CA VAL B 88 28.55 11.23 9.33
C VAL B 88 29.69 12.23 9.11
N ARG B 89 30.90 11.68 9.04
CA ARG B 89 32.10 12.49 8.82
C ARG B 89 31.91 13.45 7.64
N GLN B 90 31.39 12.95 6.52
CA GLN B 90 31.14 13.79 5.33
C GLN B 90 30.02 14.81 5.50
N TYR B 91 29.06 14.49 6.37
CA TYR B 91 27.91 15.34 6.61
C TYR B 91 28.36 16.61 7.32
N LEU B 92 29.10 16.37 8.41
CA LEU B 92 29.68 17.43 9.25
C LEU B 92 30.69 18.28 8.48
N GLU B 93 31.62 17.63 7.78
CA GLU B 93 32.61 18.34 6.97
C GLU B 93 31.95 19.19 5.87
N GLY B 94 30.66 19.03 5.66
CA GLY B 94 29.97 19.76 4.60
C GLY B 94 30.12 19.17 3.20
N GLU B 95 30.55 17.91 3.08
CA GLU B 95 30.74 17.31 1.76
C GLU B 95 29.46 16.66 1.23
N LEU B 96 28.44 16.48 2.09
CA LEU B 96 27.30 15.59 1.78
C LEU B 96 26.00 16.06 2.44
N ALA B 97 24.92 16.17 1.66
CA ALA B 97 23.58 16.50 2.22
C ALA B 97 22.89 15.28 2.85
N VAL B 98 22.18 15.48 3.96
CA VAL B 98 21.41 14.41 4.53
C VAL B 98 20.04 14.88 4.93
N GLU B 99 19.01 14.31 4.28
CA GLU B 99 17.62 14.56 4.63
C GLU B 99 17.11 13.34 5.37
N LEU B 100 16.88 13.51 6.67
CA LEU B 100 16.36 12.46 7.49
C LEU B 100 14.87 12.48 7.41
N THR B 101 14.30 11.30 7.43
CA THR B 101 12.87 11.16 7.33
C THR B 101 12.45 10.05 8.22
N PRO B 102 11.38 10.28 8.96
CA PRO B 102 10.92 9.17 9.79
C PRO B 102 10.83 7.91 8.94
N GLN B 103 11.19 6.77 9.51
CA GLN B 103 11.31 5.55 8.71
C GLN B 103 9.97 5.19 8.03
N GLY B 104 8.85 5.31 8.74
CA GLY B 104 7.54 4.99 8.15
C GLY B 104 7.09 5.97 7.07
N THR B 105 7.56 7.20 7.13
CA THR B 105 7.20 8.19 6.16
C THR B 105 8.03 7.91 4.92
N LEU B 106 9.28 7.49 5.12
CA LEU B 106 10.14 7.10 4.00
C LEU B 106 9.50 5.96 3.19
N ALA B 107 9.03 4.95 3.90
CA ALA B 107 8.38 3.82 3.30
C ALA B 107 7.11 4.18 2.50
N GLU B 108 6.28 5.02 3.11
CA GLU B 108 5.06 5.48 2.45
C GLU B 108 5.35 6.48 1.34
N LYS B 109 6.38 7.29 1.47
CA LYS B 109 6.71 8.21 0.37
C LYS B 109 7.02 7.43 -0.87
N ILE B 110 7.72 6.32 -0.69
CA ILE B 110 8.12 5.44 -1.81
C ILE B 110 6.93 4.67 -2.31
N ARG B 111 6.16 4.07 -1.40
CA ARG B 111 4.95 3.34 -1.78
C ARG B 111 4.06 4.30 -2.53
N ALA B 112 3.84 5.49 -1.98
CA ALA B 112 2.98 6.48 -2.71
C ALA B 112 3.56 6.88 -4.05
N GLY B 113 4.86 7.11 -4.13
CA GLY B 113 5.42 7.48 -5.41
C GLY B 113 5.14 6.44 -6.46
N GLY B 114 5.38 5.17 -6.14
CA GLY B 114 5.16 4.11 -7.12
C GLY B 114 3.68 3.86 -7.40
N ALA B 115 2.81 4.27 -6.49
CA ALA B 115 1.39 4.14 -6.71
C ALA B 115 0.81 5.44 -7.35
N GLY B 116 1.69 6.35 -7.76
CA GLY B 116 1.20 7.57 -8.46
C GLY B 116 0.40 8.51 -7.57
N ILE B 117 0.78 8.55 -6.30
CA ILE B 117 0.17 9.41 -5.30
C ILE B 117 1.27 10.39 -4.90
N PRO B 118 1.12 11.66 -5.29
CA PRO B 118 2.19 12.63 -5.17
C PRO B 118 2.28 13.21 -3.79
N ALA B 119 1.19 13.14 -3.02
CA ALA B 119 1.29 13.47 -1.63
C ALA B 119 0.17 12.92 -0.80
N PHE B 120 0.42 12.87 0.50
CA PHE B 120 -0.44 12.21 1.47
C PHE B 120 -0.16 12.77 2.85
N TYR B 121 -1.08 12.48 3.77
CA TYR B 121 -1.03 12.98 5.10
C TYR B 121 -0.75 11.88 6.08
N THR B 122 0.13 12.18 7.04
CA THR B 122 0.51 11.28 8.11
C THR B 122 0.64 12.08 9.42
N PRO B 123 0.33 11.46 10.57
CA PRO B 123 0.49 12.07 11.91
C PRO B 123 1.96 12.10 12.40
N THR B 124 2.82 11.27 11.79
CA THR B 124 4.22 11.18 12.14
C THR B 124 4.90 12.46 11.84
N GLY B 125 5.54 13.03 12.85
CA GLY B 125 6.37 14.24 12.65
C GLY B 125 5.67 15.49 13.14
N TYR B 126 4.35 15.45 13.24
CA TYR B 126 3.61 16.61 13.76
C TYR B 126 4.20 17.13 15.06
N ALA B 127 4.32 18.46 15.15
CA ALA B 127 4.89 19.18 16.30
C ALA B 127 6.36 18.85 16.53
N THR B 128 7.07 18.50 15.47
CA THR B 128 8.51 18.23 15.57
C THR B 128 9.19 18.95 14.44
N LEU B 129 10.51 18.86 14.41
CA LEU B 129 11.31 19.55 13.42
C LEU B 129 10.96 19.13 12.03
N VAL B 130 10.49 17.88 11.91
CA VAL B 130 9.95 17.36 10.65
C VAL B 130 8.85 18.27 10.09
N GLN B 131 7.80 18.50 10.87
CA GLN B 131 6.78 19.49 10.50
C GLN B 131 7.31 20.92 10.50
N GLU B 132 8.13 21.26 11.50
CA GLU B 132 8.50 22.68 11.68
C GLU B 132 9.60 23.15 10.73
N GLY B 133 10.39 22.22 10.21
CA GLY B 133 11.52 22.56 9.35
C GLY B 133 12.64 23.15 10.18
N GLY B 134 13.74 23.53 9.54
CA GLY B 134 14.91 24.08 10.25
C GLY B 134 16.00 23.09 10.57
N ALA B 135 15.72 21.79 10.44
CA ALA B 135 16.75 20.77 10.67
C ALA B 135 17.82 20.91 9.58
N PRO B 136 19.10 20.70 9.94
CA PRO B 136 20.17 20.98 8.98
C PRO B 136 20.43 19.82 8.03
N ILE B 137 20.32 20.11 6.73
CA ILE B 137 20.50 19.12 5.70
C ILE B 137 21.93 19.16 5.12
N LYS B 138 22.48 20.36 4.95
CA LYS B 138 23.80 20.55 4.36
C LYS B 138 24.55 21.70 5.02
N TYR B 139 25.77 21.39 5.50
CA TYR B 139 26.79 22.39 5.91
C TYR B 139 27.80 22.71 4.77
N SER B 140 28.41 23.90 4.78
CA SER B 140 29.43 24.27 3.74
C SER B 140 30.91 24.09 4.14
N GLY B 143 28.90 24.58 10.93
CA GLY B 143 28.53 25.78 10.17
C GLY B 143 29.32 25.99 8.89
N LYS B 144 28.81 26.85 7.99
CA LYS B 144 27.47 27.47 8.08
C LYS B 144 26.46 26.45 7.56
N VAL B 145 25.24 26.48 8.08
CA VAL B 145 24.18 25.61 7.59
C VAL B 145 23.76 26.18 6.26
N GLU B 146 23.99 25.41 5.21
CA GLU B 146 23.75 25.85 3.85
C GLU B 146 22.32 25.51 3.42
N ILE B 147 21.85 24.33 3.82
CA ILE B 147 20.47 23.91 3.51
C ILE B 147 19.85 23.32 4.74
N SER B 148 18.65 23.79 5.05
CA SER B 148 17.90 23.27 6.17
C SER B 148 16.46 22.97 5.72
N SER B 149 15.77 22.14 6.48
CA SER B 149 14.51 21.53 6.04
C SER B 149 13.37 22.53 6.04
N GLU B 150 12.56 22.48 4.98
CA GLU B 150 11.41 23.33 4.81
C GLU B 150 10.23 22.90 5.70
N LYS B 151 9.48 23.91 6.14
CA LYS B 151 8.24 23.74 6.91
C LYS B 151 7.25 22.96 6.08
N LYS B 152 6.44 22.10 6.71
CA LYS B 152 5.45 21.29 5.98
C LYS B 152 4.01 21.70 6.28
N PRO B 153 3.13 21.63 5.28
CA PRO B 153 1.73 21.96 5.52
C PRO B 153 1.08 20.96 6.46
N VAL B 154 0.12 21.42 7.24
CA VAL B 154 -0.57 20.57 8.19
C VAL B 154 -2.02 20.70 7.91
N LYS B 155 -2.79 19.71 8.33
CA LYS B 155 -4.22 19.70 8.07
C LYS B 155 -4.89 18.78 9.09
N GLU B 156 -6.10 19.07 9.51
CA GLU B 156 -6.69 18.30 10.60
C GLU B 156 -7.82 17.46 10.03
N PHE B 157 -7.89 16.22 10.47
CA PHE B 157 -8.98 15.33 10.07
C PHE B 157 -9.49 14.63 11.31
N ASN B 158 -10.80 14.60 11.44
CA ASN B 158 -11.43 13.91 12.56
C ASN B 158 -10.83 14.37 13.87
N GLY B 159 -10.48 15.64 13.99
CA GLY B 159 -9.94 16.14 15.26
C GLY B 159 -8.48 15.85 15.57
N LYS B 160 -7.77 15.17 14.68
CA LYS B 160 -6.35 14.95 14.90
C LYS B 160 -5.59 15.74 13.85
N ASN B 161 -4.31 16.01 14.13
CA ASN B 161 -3.43 16.73 13.23
C ASN B 161 -2.45 15.88 12.43
N TYR B 162 -2.21 16.27 11.18
CA TYR B 162 -1.41 15.51 10.24
C TYR B 162 -0.52 16.46 9.43
N VAL B 163 0.57 15.91 8.96
CA VAL B 163 1.59 16.62 8.27
C VAL B 163 1.41 16.16 6.85
N MET B 164 1.52 17.07 5.87
CA MET B 164 1.51 16.63 4.48
C MET B 164 2.90 16.28 4.01
N GLU B 165 3.02 15.14 3.32
CA GLU B 165 4.29 14.67 2.85
C GLU B 165 4.23 14.38 1.39
N GLU B 166 5.31 14.64 0.67
CA GLU B 166 5.34 14.39 -0.78
C GLU B 166 5.99 13.08 -1.11
N SER B 167 5.50 12.43 -2.15
CA SER B 167 6.03 11.14 -2.57
C SER B 167 7.45 11.15 -3.08
N ILE B 168 8.02 9.97 -3.24
CA ILE B 168 9.28 9.79 -3.92
C ILE B 168 9.06 8.82 -5.07
N PHE B 169 9.61 9.20 -6.22
CA PHE B 169 9.66 8.40 -7.43
C PHE B 169 10.98 8.66 -8.15
N ALA B 170 11.84 7.64 -8.19
CA ALA B 170 13.23 7.77 -8.58
C ALA B 170 13.52 7.37 -10.02
N ASP B 171 14.73 7.69 -10.48
CA ASP B 171 15.22 7.24 -11.77
C ASP B 171 15.45 5.74 -11.78
N PHE B 172 16.09 5.23 -10.74
CA PHE B 172 16.40 3.83 -10.72
C PHE B 172 16.11 3.29 -9.34
N ALA B 173 15.84 2.00 -9.27
CA ALA B 173 15.77 1.32 -8.00
C ALA B 173 16.60 0.07 -8.07
N PHE B 174 17.49 -0.06 -7.11
CA PHE B 174 18.31 -1.22 -6.97
C PHE B 174 17.90 -2.04 -5.75
N VAL B 175 17.47 -3.23 -6.04
CA VAL B 175 16.75 -4.01 -5.10
C VAL B 175 17.30 -5.46 -5.04
N LYS B 176 17.11 -6.12 -3.93
CA LYS B 176 17.63 -7.45 -3.69
C LYS B 176 16.49 -8.40 -3.35
N ALA B 177 16.53 -9.62 -3.90
CA ALA B 177 15.53 -10.62 -3.54
C ALA B 177 16.13 -12.03 -3.60
N GLN B 178 15.32 -13.04 -3.31
CA GLN B 178 15.77 -14.41 -3.29
C GLN B 178 15.67 -15.11 -4.65
N LYS B 179 14.50 -15.05 -5.27
CA LYS B 179 14.30 -15.70 -6.55
C LYS B 179 13.59 -14.78 -7.55
N ALA B 180 13.94 -14.94 -8.82
CA ALA B 180 13.19 -14.37 -9.92
C ALA B 180 12.88 -15.45 -10.98
N ASP B 181 11.77 -15.28 -11.69
CA ASP B 181 11.57 -15.98 -12.93
C ASP B 181 11.91 -14.97 -14.02
N PRO B 182 12.05 -15.44 -15.26
CA PRO B 182 12.54 -14.51 -16.32
C PRO B 182 11.58 -13.39 -16.73
N LEU B 183 10.33 -13.46 -16.27
CA LEU B 183 9.35 -12.38 -16.44
C LEU B 183 9.53 -11.27 -15.40
N GLY B 184 10.45 -11.48 -14.47
CA GLY B 184 10.64 -10.53 -13.40
C GLY B 184 9.81 -10.70 -12.14
N ASN B 185 8.90 -11.67 -12.06
CA ASN B 185 8.21 -11.94 -10.79
C ASN B 185 9.23 -12.24 -9.71
N LEU B 186 9.09 -11.65 -8.53
CA LEU B 186 10.03 -11.83 -7.45
C LEU B 186 9.40 -12.38 -6.20
N VAL B 187 10.29 -13.03 -5.43
CA VAL B 187 10.01 -13.57 -4.13
C VAL B 187 11.20 -13.18 -3.24
N PHE B 188 10.91 -12.69 -2.03
CA PHE B 188 11.92 -12.32 -1.03
C PHE B 188 11.98 -13.37 0.09
N ASN B 189 13.10 -13.39 0.79
CA ASN B 189 13.31 -14.31 1.88
C ASN B 189 13.36 -13.57 3.20
N LYS B 190 12.36 -13.85 4.03
CA LYS B 190 12.33 -13.39 5.43
C LYS B 190 12.36 -11.88 5.62
N ALA B 191 13.26 -11.37 6.43
CA ALA B 191 13.22 -9.97 6.78
C ALA B 191 14.12 -9.16 5.86
N ALA B 192 14.59 -9.77 4.77
CA ALA B 192 15.45 -9.13 3.82
C ALA B 192 14.59 -8.37 2.81
N ARG B 193 13.29 -8.61 2.88
CA ARG B 193 12.33 -7.84 2.14
C ARG B 193 12.44 -6.33 2.45
N ASN B 194 12.05 -5.97 3.66
CA ASN B 194 12.08 -4.59 4.12
C ASN B 194 11.77 -3.55 3.04
N PHE B 195 12.68 -2.65 2.72
CA PHE B 195 12.44 -1.59 1.77
C PHE B 195 12.48 -2.05 0.33
N ASN B 196 13.03 -3.22 0.04
CA ASN B 196 13.03 -3.70 -1.34
C ASN B 196 11.60 -3.83 -1.92
N ALA B 197 10.66 -4.27 -1.09
CA ALA B 197 9.26 -4.41 -1.49
C ALA B 197 8.70 -3.13 -2.10
N PRO B 198 8.65 -2.02 -1.32
CA PRO B 198 8.12 -0.79 -1.91
C PRO B 198 9.03 -0.16 -2.93
N MET B 199 10.34 -0.26 -2.73
CA MET B 199 11.31 0.40 -3.66
C MET B 199 11.20 -0.08 -5.08
N CYS B 200 10.91 -1.37 -5.24
CA CYS B 200 10.95 -1.89 -6.61
C CYS B 200 9.77 -1.41 -7.45
N ARG B 201 8.77 -0.79 -6.82
CA ARG B 201 7.62 -0.19 -7.50
C ARG B 201 7.74 1.33 -7.76
N ALA B 202 8.83 1.96 -7.36
CA ALA B 202 8.87 3.42 -7.36
C ALA B 202 10.04 4.02 -8.12
N ALA B 203 10.40 3.42 -9.24
CA ALA B 203 11.40 3.99 -10.11
C ALA B 203 11.08 3.75 -11.56
N LYS B 204 11.61 4.61 -12.42
CA LYS B 204 11.45 4.48 -13.87
C LYS B 204 12.06 3.14 -14.29
N ILE B 205 13.22 2.81 -13.73
CA ILE B 205 13.88 1.54 -14.04
C ILE B 205 14.24 0.82 -12.79
N THR B 206 13.88 -0.44 -12.69
CA THR B 206 14.17 -1.22 -11.50
C THR B 206 15.10 -2.39 -11.82
N VAL B 207 16.11 -2.57 -10.98
CA VAL B 207 17.04 -3.66 -11.13
C VAL B 207 17.04 -4.54 -9.90
N ALA B 208 16.75 -5.81 -10.11
CA ALA B 208 16.63 -6.77 -9.03
C ALA B 208 17.77 -7.77 -9.09
N GLU B 209 18.57 -7.83 -8.05
CA GLU B 209 19.49 -8.93 -7.92
C GLU B 209 18.96 -10.04 -7.02
N VAL B 210 19.22 -11.28 -7.39
CA VAL B 210 18.60 -12.42 -6.77
C VAL B 210 19.60 -13.53 -6.70
N GLU B 211 19.28 -14.56 -5.92
CA GLU B 211 20.23 -15.65 -5.67
C GLU B 211 19.87 -16.86 -6.47
N GLU B 212 18.69 -16.87 -7.06
CA GLU B 212 18.23 -17.96 -7.84
C GLU B 212 17.29 -17.46 -8.94
N ILE B 213 17.47 -18.00 -10.15
CA ILE B 213 16.55 -17.79 -11.24
C ILE B 213 15.79 -19.06 -11.53
N VAL B 214 14.46 -19.00 -11.49
CA VAL B 214 13.66 -20.19 -11.70
C VAL B 214 12.94 -20.04 -13.00
N PRO B 215 12.48 -21.16 -13.58
CA PRO B 215 11.75 -21.01 -14.84
C PRO B 215 10.34 -20.45 -14.64
N ILE B 216 9.84 -19.84 -15.69
CA ILE B 216 8.46 -19.39 -15.73
C ILE B 216 7.55 -20.51 -15.25
N GLY B 217 6.75 -20.24 -14.21
CA GLY B 217 5.81 -21.21 -13.68
C GLY B 217 6.22 -21.60 -12.28
N ALA B 218 7.53 -21.69 -12.07
CA ALA B 218 8.07 -22.14 -10.80
C ALA B 218 7.64 -21.29 -9.61
N LEU B 219 7.46 -19.99 -9.82
CA LEU B 219 6.87 -19.10 -8.81
C LEU B 219 5.39 -19.10 -9.08
N SER B 220 4.65 -19.73 -8.18
CA SER B 220 3.25 -19.87 -8.44
C SER B 220 2.62 -18.46 -8.29
N PRO B 221 1.49 -18.23 -8.96
CA PRO B 221 0.79 -16.93 -8.97
C PRO B 221 0.32 -16.41 -7.59
N ASP B 222 0.09 -17.32 -6.64
CA ASP B 222 -0.38 -16.91 -5.33
C ASP B 222 0.77 -16.79 -4.34
N GLU B 223 2.01 -16.97 -4.80
CA GLU B 223 3.19 -16.85 -3.94
C GLU B 223 4.13 -15.71 -4.35
N ILE B 224 3.88 -15.10 -5.48
CA ILE B 224 4.73 -14.02 -5.96
C ILE B 224 4.55 -12.75 -5.09
N HIS B 225 5.65 -12.19 -4.63
CA HIS B 225 5.66 -11.01 -3.78
C HIS B 225 5.68 -9.72 -4.62
N VAL B 226 6.44 -9.69 -5.71
CA VAL B 226 6.46 -8.58 -6.63
C VAL B 226 6.22 -9.08 -8.05
N PRO B 227 5.09 -8.66 -8.66
CA PRO B 227 4.79 -8.92 -10.04
C PRO B 227 5.83 -8.37 -10.98
N GLY B 228 6.11 -9.12 -12.04
CA GLY B 228 7.22 -8.80 -12.93
C GLY B 228 7.14 -7.47 -13.63
N ILE B 229 5.94 -6.92 -13.73
CA ILE B 229 5.69 -5.61 -14.36
C ILE B 229 6.49 -4.54 -13.68
N TYR B 230 6.72 -4.67 -12.39
CA TYR B 230 7.57 -3.70 -11.69
C TYR B 230 9.05 -3.85 -11.99
N ILE B 231 9.46 -4.87 -12.71
CA ILE B 231 10.91 -5.02 -12.79
C ILE B 231 11.48 -5.15 -14.21
N ASN B 232 12.52 -4.37 -14.49
CA ASN B 232 13.03 -4.19 -15.85
C ASN B 232 14.20 -5.07 -16.17
N ARG B 233 15.09 -5.20 -15.19
CA ARG B 233 16.30 -5.93 -15.32
C ARG B 233 16.53 -6.86 -14.13
N ILE B 234 17.06 -8.05 -14.40
CA ILE B 234 17.28 -9.13 -13.41
C ILE B 234 18.75 -9.63 -13.46
N PHE B 235 19.42 -9.73 -12.31
CA PHE B 235 20.79 -10.27 -12.21
C PHE B 235 20.91 -11.29 -11.10
N LYS B 236 21.50 -12.43 -11.40
CA LYS B 236 21.76 -13.45 -10.41
C LYS B 236 23.18 -13.32 -9.85
N GLY B 237 23.34 -12.81 -8.63
CA GLY B 237 24.66 -12.75 -8.00
C GLY B 237 24.97 -14.08 -7.36
N THR B 238 26.25 -14.37 -7.06
CA THR B 238 26.57 -15.71 -6.56
C THR B 238 27.53 -15.87 -5.41
N ASN B 239 28.21 -14.83 -4.98
CA ASN B 239 29.03 -15.06 -3.78
C ASN B 239 28.77 -13.97 -2.81
N TYR B 240 27.60 -14.07 -2.17
CA TYR B 240 27.08 -12.96 -1.40
C TYR B 240 27.80 -12.93 -0.06
N ASN B 241 28.24 -11.75 0.34
CA ASN B 241 28.92 -11.57 1.60
C ASN B 241 27.88 -11.09 2.60
N LYS B 242 26.97 -12.00 2.95
CA LYS B 242 25.93 -11.78 3.95
C LYS B 242 26.47 -11.96 5.37
N ARG B 243 26.46 -10.88 6.11
CA ARG B 243 26.93 -10.88 7.47
C ARG B 243 25.72 -10.46 8.37
N VAL B 244 25.76 -10.81 9.66
CA VAL B 244 24.92 -10.17 10.70
C VAL B 244 25.72 -9.04 11.38
N GLU B 245 25.11 -7.87 11.52
CA GLU B 245 25.83 -6.68 12.01
C GLU B 245 26.05 -6.75 13.53
N ARG B 246 25.07 -7.25 14.27
CA ARG B 246 25.19 -7.44 15.69
C ARG B 246 24.80 -8.86 16.03
N LEU B 247 25.83 -9.72 16.10
CA LEU B 247 25.65 -11.13 16.42
C LEU B 247 25.07 -11.26 17.84
N ARG B 248 24.07 -12.12 17.99
CA ARG B 248 23.49 -12.43 19.30
C ARG B 248 23.06 -13.89 19.30
N ILE B 249 23.44 -14.60 20.36
CA ILE B 249 23.24 -16.04 20.48
C ILE B 249 22.58 -16.31 21.83
N THR B 250 21.85 -17.41 21.92
CA THR B 250 21.43 -17.98 23.20
C THR B 250 22.23 -19.26 23.43
N PRO B 262 25.93 -12.39 39.24
CA PRO B 262 26.00 -11.17 38.40
C PRO B 262 24.59 -10.68 37.97
N ASN B 263 24.26 -9.37 37.97
CA ASN B 263 25.12 -8.16 38.21
C ASN B 263 24.21 -6.93 38.48
N PRO B 264 24.61 -5.92 39.29
CA PRO B 264 23.65 -4.81 39.64
C PRO B 264 23.02 -3.95 38.50
N ALA B 265 23.83 -3.42 37.56
CA ALA B 265 23.22 -2.74 36.42
C ALA B 265 22.32 -3.72 35.64
N GLN B 266 22.68 -4.99 35.64
CA GLN B 266 21.79 -6.00 35.13
C GLN B 266 20.48 -6.03 35.89
N VAL B 267 20.60 -6.07 37.20
CA VAL B 267 19.45 -6.31 38.04
C VAL B 267 18.51 -5.12 38.01
N LEU B 268 19.03 -3.92 37.73
CA LEU B 268 18.18 -2.76 37.51
C LEU B 268 17.41 -2.84 36.20
N ARG B 269 18.12 -3.15 35.13
CA ARG B 269 17.49 -3.43 33.88
C ARG B 269 16.41 -4.50 34.02
N GLU B 270 16.64 -5.50 34.85
CA GLU B 270 15.67 -6.59 34.98
C GLU B 270 14.48 -6.14 35.81
N ARG B 271 14.71 -5.23 36.75
CA ARG B 271 13.60 -4.77 37.56
C ARG B 271 12.66 -4.01 36.63
N ILE B 272 13.22 -3.09 35.85
CA ILE B 272 12.47 -2.29 34.92
C ILE B 272 11.62 -3.18 34.03
N ALA B 273 12.28 -4.20 33.46
CA ALA B 273 11.65 -5.15 32.56
C ALA B 273 10.61 -5.98 33.27
N ARG B 274 10.89 -6.38 34.48
CA ARG B 274 9.93 -7.17 35.22
C ARG B 274 8.70 -6.35 35.57
N ARG B 275 8.84 -5.02 35.59
CA ARG B 275 7.72 -4.14 35.75
C ARG B 275 6.92 -3.94 34.47
N VAL B 276 7.59 -3.73 33.32
CA VAL B 276 6.82 -3.56 32.08
C VAL B 276 6.16 -4.87 31.71
N ALA B 277 6.78 -5.98 32.01
CA ALA B 277 6.19 -7.28 31.69
C ALA B 277 4.73 -7.34 32.13
N LEU B 278 4.42 -6.69 33.24
CA LEU B 278 3.06 -6.67 33.77
C LEU B 278 2.06 -6.04 32.82
N GLU B 279 2.52 -5.27 31.86
CA GLU B 279 1.59 -4.58 30.95
C GLU B 279 1.11 -5.47 29.75
N PHE B 280 1.75 -6.63 29.61
CA PHE B 280 1.35 -7.61 28.61
C PHE B 280 0.09 -8.39 28.97
N HIS B 281 -0.79 -8.60 28.00
CA HIS B 281 -1.95 -9.48 28.14
C HIS B 281 -2.00 -10.44 26.97
N ASP B 282 -2.65 -11.59 27.15
CA ASP B 282 -2.84 -12.55 26.06
C ASP B 282 -3.54 -11.86 24.88
N GLY B 283 -3.08 -12.16 23.66
CA GLY B 283 -3.66 -11.61 22.45
C GLY B 283 -3.04 -10.29 21.99
N MET B 284 -2.06 -9.81 22.71
CA MET B 284 -1.62 -8.47 22.49
C MET B 284 -0.57 -8.43 21.41
N TYR B 285 -0.55 -7.30 20.70
CA TYR B 285 0.45 -7.03 19.70
C TYR B 285 1.26 -5.85 20.18
N ALA B 286 2.56 -6.09 20.29
CA ALA B 286 3.48 -5.06 20.79
C ALA B 286 4.70 -4.86 19.91
N ASN B 287 5.26 -3.65 19.99
CA ASN B 287 6.53 -3.35 19.41
C ASN B 287 7.48 -2.97 20.52
N LEU B 288 8.61 -3.65 20.60
CA LEU B 288 9.62 -3.42 21.62
C LEU B 288 10.87 -2.87 20.96
N GLY B 289 11.34 -1.72 21.45
CA GLY B 289 12.60 -1.12 21.03
C GLY B 289 13.72 -1.96 21.62
N ILE B 290 14.92 -1.80 21.09
CA ILE B 290 16.06 -2.57 21.61
C ILE B 290 16.53 -2.02 22.94
N GLY B 291 17.11 -2.92 23.72
CA GLY B 291 17.55 -2.58 25.04
C GLY B 291 16.57 -3.18 26.01
N ILE B 292 16.03 -2.31 26.84
CA ILE B 292 15.19 -2.77 27.92
C ILE B 292 13.87 -3.36 27.40
N PRO B 293 13.19 -2.67 26.45
CA PRO B 293 11.91 -3.21 26.05
C PRO B 293 12.04 -4.66 25.63
N VAL B 294 13.04 -5.00 24.82
CA VAL B 294 13.23 -6.39 24.38
C VAL B 294 13.37 -7.35 25.57
N LEU B 295 14.19 -6.95 26.54
CA LEU B 295 14.44 -7.75 27.76
C LEU B 295 13.14 -8.22 28.41
N SER B 296 12.13 -7.36 28.38
CA SER B 296 10.87 -7.69 29.00
C SER B 296 10.11 -8.81 28.33
N SER B 297 10.42 -9.10 27.06
CA SER B 297 9.80 -10.25 26.40
C SER B 297 10.17 -11.53 27.15
N ASN B 298 11.42 -11.62 27.61
CA ASN B 298 11.89 -12.80 28.36
C ASN B 298 11.05 -13.18 29.59
N TYR B 299 10.19 -12.28 30.07
CA TYR B 299 9.39 -12.49 31.28
C TYR B 299 7.91 -12.60 31.00
N ILE B 300 7.55 -13.06 29.80
CA ILE B 300 6.15 -13.22 29.45
C ILE B 300 5.67 -14.57 29.97
N PRO B 301 4.67 -14.58 30.87
CA PRO B 301 4.24 -15.83 31.47
C PRO B 301 3.98 -16.89 30.43
N LYS B 302 4.65 -18.04 30.60
CA LYS B 302 4.43 -19.32 29.87
C LYS B 302 3.22 -19.44 28.95
N GLY B 303 2.02 -19.37 29.50
CA GLY B 303 0.85 -19.61 28.64
C GLY B 303 0.48 -18.49 27.69
N MET B 304 0.93 -17.27 28.02
CA MET B 304 0.43 -16.05 27.41
C MET B 304 0.98 -15.76 26.03
N ASN B 305 0.09 -15.33 25.15
CA ASN B 305 0.38 -15.17 23.72
C ASN B 305 0.56 -13.69 23.32
N VAL B 306 1.80 -13.31 23.12
CA VAL B 306 2.11 -11.94 22.78
C VAL B 306 2.89 -11.95 21.50
N MET B 307 2.34 -11.31 20.48
CA MET B 307 2.95 -11.30 19.19
C MET B 307 3.71 -9.99 19.05
N LEU B 308 5.02 -10.11 18.80
CA LEU B 308 5.91 -8.96 18.83
C LEU B 308 6.22 -8.53 17.42
N GLN B 309 6.00 -7.25 17.12
CA GLN B 309 6.16 -6.72 15.80
C GLN B 309 7.48 -6.02 15.70
N SER B 310 8.09 -6.17 14.55
CA SER B 310 9.38 -5.57 14.24
C SER B 310 9.18 -4.69 13.01
N GLU B 311 9.69 -3.46 13.05
CA GLU B 311 9.36 -2.47 12.04
C GLU B 311 10.08 -2.75 10.73
N ASN B 312 11.10 -3.57 10.78
CA ASN B 312 11.72 -4.02 9.55
C ASN B 312 10.92 -5.08 8.77
N GLY B 313 9.74 -5.45 9.23
CA GLY B 313 8.84 -6.30 8.44
C GLY B 313 8.57 -7.71 8.94
N ILE B 314 8.43 -7.85 10.24
CA ILE B 314 8.22 -9.15 10.89
C ILE B 314 7.09 -8.99 11.94
N LEU B 315 6.20 -9.97 11.98
CA LEU B 315 5.26 -10.16 13.07
C LEU B 315 5.49 -11.56 13.62
N GLY B 316 5.94 -11.64 14.88
CA GLY B 316 6.27 -12.93 15.51
C GLY B 316 7.73 -13.12 15.87
N LEU B 317 8.36 -12.06 16.36
CA LEU B 317 9.76 -12.12 16.77
C LEU B 317 9.96 -13.08 17.88
N GLY B 318 10.97 -13.92 17.73
CA GLY B 318 11.35 -14.83 18.78
C GLY B 318 12.64 -14.41 19.49
N PRO B 319 13.20 -15.33 20.28
CA PRO B 319 14.49 -15.08 20.96
C PRO B 319 15.71 -15.22 20.02
N PHE B 320 16.89 -14.82 20.50
CA PHE B 320 18.08 -14.98 19.69
C PHE B 320 18.31 -16.43 19.31
N PRO B 321 18.84 -16.68 18.13
CA PRO B 321 18.93 -18.04 17.67
C PRO B 321 20.06 -18.77 18.35
N THR B 322 20.02 -20.09 18.40
CA THR B 322 21.24 -20.82 18.78
C THR B 322 22.29 -20.64 17.68
N LYS B 323 23.56 -20.84 18.06
CA LYS B 323 24.71 -20.66 17.15
C LYS B 323 24.45 -21.24 15.75
N ASP B 324 23.83 -22.41 15.71
CA ASP B 324 23.54 -23.08 14.44
C ASP B 324 22.32 -22.60 13.67
N LYS B 325 21.60 -21.60 14.18
CA LYS B 325 20.41 -21.14 13.45
C LYS B 325 20.47 -19.68 13.05
N VAL B 326 21.65 -19.09 13.20
CA VAL B 326 21.87 -17.71 12.84
C VAL B 326 21.63 -17.54 11.35
N ASP B 327 20.73 -16.59 11.00
CA ASP B 327 20.40 -16.28 9.61
C ASP B 327 20.53 -14.76 9.30
N PRO B 328 21.41 -14.40 8.36
CA PRO B 328 21.59 -12.96 8.11
C PRO B 328 20.35 -12.29 7.51
N ASP B 329 19.44 -13.09 6.94
CA ASP B 329 18.17 -12.58 6.41
C ASP B 329 17.09 -12.49 7.51
N LEU B 330 17.47 -12.71 8.77
CA LEU B 330 16.54 -12.63 9.86
C LEU B 330 17.06 -11.87 11.08
N ILE B 331 16.75 -10.60 11.15
CA ILE B 331 17.22 -9.73 12.21
C ILE B 331 16.08 -8.88 12.71
N ASN B 332 16.26 -8.29 13.89
CA ASN B 332 15.30 -7.32 14.45
C ASN B 332 15.66 -5.87 14.04
N ALA B 333 14.90 -4.90 14.55
CA ALA B 333 15.09 -3.50 14.15
C ALA B 333 16.41 -2.96 14.63
N GLY B 334 17.00 -3.63 15.62
CA GLY B 334 18.32 -3.25 16.12
C GLY B 334 19.43 -4.03 15.47
N LYS B 335 19.12 -4.64 14.33
CA LYS B 335 20.10 -5.37 13.53
C LYS B 335 20.72 -6.60 14.18
N GLU B 336 20.06 -7.14 15.19
CA GLU B 336 20.54 -8.36 15.86
C GLU B 336 19.94 -9.59 15.21
N SER B 337 20.75 -10.64 15.07
CA SER B 337 20.23 -11.89 14.53
C SER B 337 19.17 -12.42 15.49
N VAL B 338 18.06 -12.89 14.93
CA VAL B 338 16.90 -13.16 15.72
C VAL B 338 16.24 -14.48 15.28
N THR B 339 15.15 -14.89 15.90
CA THR B 339 14.33 -15.98 15.29
C THR B 339 12.89 -15.53 15.19
N VAL B 340 12.03 -16.42 14.71
CA VAL B 340 10.59 -16.21 14.77
C VAL B 340 9.83 -17.41 15.36
N VAL B 341 8.68 -17.11 15.93
CA VAL B 341 7.87 -18.12 16.57
C VAL B 341 6.96 -18.77 15.51
N PRO B 342 6.36 -19.91 15.83
CA PRO B 342 5.34 -20.41 14.90
C PRO B 342 4.22 -19.37 14.68
N GLY B 343 3.79 -19.22 13.44
CA GLY B 343 2.72 -18.26 13.08
C GLY B 343 3.22 -16.87 12.66
N ALA B 344 4.54 -16.74 12.55
CA ALA B 344 5.13 -15.52 12.11
C ALA B 344 4.78 -15.23 10.65
N SER B 345 4.80 -13.94 10.31
CA SER B 345 4.66 -13.49 8.95
C SER B 345 5.69 -12.43 8.67
N TYR B 346 6.03 -12.34 7.40
CA TYR B 346 6.99 -11.38 6.94
C TYR B 346 6.26 -10.46 5.98
N PHE B 347 6.71 -9.21 5.94
CA PHE B 347 6.10 -8.21 5.00
C PHE B 347 7.04 -7.03 4.75
N GLY B 348 6.68 -6.15 3.82
CA GLY B 348 7.50 -4.99 3.46
C GLY B 348 7.45 -3.90 4.49
N SER B 349 8.45 -3.04 4.46
CA SER B 349 8.51 -1.85 5.30
C SER B 349 7.30 -0.91 5.19
N ASP B 350 6.74 -0.71 4.01
CA ASP B 350 5.50 0.06 3.88
C ASP B 350 4.33 -0.61 4.67
N ASP B 351 4.21 -1.94 4.52
CA ASP B 351 3.12 -2.69 5.20
C ASP B 351 3.32 -2.60 6.71
N SER B 352 4.55 -2.75 7.15
CA SER B 352 4.93 -2.64 8.56
C SER B 352 4.49 -1.34 9.19
N PHE B 353 4.80 -0.23 8.56
CA PHE B 353 4.36 1.04 9.10
C PHE B 353 2.87 1.39 8.87
N ALA B 354 2.22 0.73 7.92
CA ALA B 354 0.79 0.88 7.83
C ALA B 354 0.23 0.26 9.10
N MET B 355 0.70 -0.92 9.36
CA MET B 355 0.23 -1.61 10.52
C MET B 355 0.23 -0.60 11.68
N ILE B 356 1.35 0.13 11.84
CA ILE B 356 1.61 0.97 13.01
C ILE B 356 0.82 2.28 12.92
N ARG B 357 1.02 3.01 11.85
CA ARG B 357 0.36 4.29 11.66
C ARG B 357 -1.13 4.11 11.69
N GLY B 358 -1.59 2.94 11.21
CA GLY B 358 -3.01 2.60 11.20
C GLY B 358 -3.58 2.22 12.55
N GLY B 359 -2.74 2.17 13.56
CA GLY B 359 -3.20 1.86 14.93
C GLY B 359 -3.35 0.39 15.28
N HIS B 360 -2.77 -0.52 14.51
CA HIS B 360 -3.08 -1.95 14.70
C HIS B 360 -2.26 -2.62 15.78
N VAL B 361 -1.20 -1.95 16.21
CA VAL B 361 -0.31 -2.40 17.30
C VAL B 361 -0.82 -1.84 18.61
N ASP B 362 -0.95 -2.69 19.64
CA ASP B 362 -1.63 -2.29 20.86
C ASP B 362 -0.77 -1.37 21.72
N ILE B 363 0.53 -1.66 21.78
CA ILE B 363 1.41 -1.07 22.77
C ILE B 363 2.80 -0.91 22.21
N THR B 364 3.47 0.16 22.59
CA THR B 364 4.85 0.38 22.17
C THR B 364 5.69 0.66 23.39
N ILE B 365 6.84 -0.01 23.48
CA ILE B 365 7.76 0.18 24.59
C ILE B 365 9.12 0.61 24.05
N LEU B 366 9.59 1.77 24.50
CA LEU B 366 10.84 2.35 24.02
C LEU B 366 11.72 2.98 25.09
N GLY B 367 12.99 3.18 24.74
CA GLY B 367 13.90 3.96 25.54
C GLY B 367 13.75 5.43 25.19
N ALA B 368 14.51 6.24 25.91
CA ALA B 368 14.57 7.69 25.66
C ALA B 368 15.81 8.33 26.29
N MET B 369 16.27 9.42 25.68
CA MET B 369 17.30 10.28 26.21
C MET B 369 16.65 11.23 27.23
N GLU B 370 15.55 11.86 26.84
CA GLU B 370 14.77 12.69 27.73
C GLU B 370 13.26 12.52 27.51
N VAL B 371 12.52 12.85 28.56
CA VAL B 371 11.09 12.71 28.62
C VAL B 371 10.56 13.95 29.36
N SER B 372 9.37 14.43 29.06
CA SER B 372 8.88 15.60 29.77
C SER B 372 7.65 15.32 30.61
N ALA B 373 7.30 16.31 31.42
CA ALA B 373 6.19 16.19 32.36
C ALA B 373 4.84 16.01 31.65
N THR B 374 4.74 16.59 30.45
CA THR B 374 3.50 16.59 29.69
C THR B 374 3.38 15.42 28.71
N GLY B 375 4.42 14.56 28.68
CA GLY B 375 4.45 13.36 27.84
C GLY B 375 5.36 13.47 26.64
N ASP B 376 6.10 14.57 26.52
CA ASP B 376 6.96 14.78 25.38
C ASP B 376 8.03 13.71 25.39
N LEU B 377 8.55 13.36 24.21
CA LEU B 377 9.65 12.41 24.06
C LEU B 377 10.68 13.01 23.16
N ALA B 378 11.95 12.90 23.56
CA ALA B 378 13.08 13.29 22.70
C ALA B 378 14.07 12.14 22.68
N ASN B 379 14.46 11.68 21.51
CA ASN B 379 15.51 10.64 21.46
C ASN B 379 16.08 10.34 20.10
N TRP B 380 16.36 11.42 19.34
CA TRP B 380 16.96 11.30 18.02
C TRP B 380 17.97 12.42 17.71
N MET B 381 18.29 13.27 18.68
CA MET B 381 19.19 14.39 18.42
C MET B 381 19.71 15.01 19.72
N LYS B 388 23.19 10.33 14.60
CA LYS B 388 22.20 9.31 14.95
C LYS B 388 20.96 9.38 14.01
N GLY B 389 19.75 9.62 14.55
CA GLY B 389 18.53 9.63 13.72
C GLY B 389 17.33 9.06 14.45
N MET B 390 16.14 9.21 13.85
CA MET B 390 14.85 8.93 14.52
C MET B 390 14.22 7.58 14.18
N GLY B 391 14.40 7.12 12.93
CA GLY B 391 13.94 5.79 12.52
C GLY B 391 12.47 5.53 12.84
N GLY B 392 12.26 4.43 13.61
CA GLY B 392 10.93 3.94 14.05
C GLY B 392 10.16 4.75 15.10
N ALA B 393 10.91 5.39 16.00
CA ALA B 393 10.32 6.03 17.17
C ALA B 393 9.22 7.03 16.86
N MET B 394 9.40 7.93 15.88
CA MET B 394 8.37 8.93 15.63
C MET B 394 7.06 8.33 15.21
N ASP B 395 7.17 7.33 14.36
CA ASP B 395 5.98 6.69 13.85
C ASP B 395 5.27 5.95 14.93
N LEU B 396 6.05 5.28 15.79
CA LEU B 396 5.48 4.42 16.82
C LEU B 396 4.70 5.27 17.79
N VAL B 397 5.31 6.35 18.25
CA VAL B 397 4.65 7.21 19.24
C VAL B 397 3.58 8.12 18.65
N ALA B 398 3.57 8.33 17.33
CA ALA B 398 2.49 9.10 16.70
C ALA B 398 1.23 8.29 16.40
N ALA B 399 1.29 6.98 16.60
CA ALA B 399 0.23 6.06 16.14
C ALA B 399 -1.01 6.25 17.01
N PRO B 400 -2.20 6.26 16.42
CA PRO B 400 -3.42 6.45 17.22
C PRO B 400 -3.77 5.23 18.03
N GLY B 401 -4.39 5.46 19.20
CA GLY B 401 -4.88 4.38 20.04
C GLY B 401 -3.83 3.34 20.33
N THR B 402 -2.65 3.79 20.68
CA THR B 402 -1.53 2.90 20.84
C THR B 402 -0.86 3.33 22.12
N LYS B 403 -0.72 2.39 23.04
CA LYS B 403 -0.16 2.74 24.33
C LYS B 403 1.35 2.87 24.21
N VAL B 404 1.86 4.02 24.65
CA VAL B 404 3.28 4.29 24.60
C VAL B 404 3.87 4.26 26.01
N ILE B 405 4.79 3.33 26.22
CA ILE B 405 5.48 3.19 27.49
C ILE B 405 6.96 3.41 27.32
N ILE B 406 7.53 4.31 28.11
CA ILE B 406 8.97 4.56 28.01
C ILE B 406 9.69 3.83 29.12
N THR B 407 10.76 3.10 28.79
CA THR B 407 11.56 2.42 29.80
C THR B 407 12.94 3.02 29.80
N MET B 408 13.38 3.62 30.91
CA MET B 408 14.67 4.26 30.93
C MET B 408 15.30 4.29 32.29
N GLU B 409 16.61 4.41 32.31
CA GLU B 409 17.30 4.69 33.53
C GLU B 409 16.86 6.10 33.98
N HIS B 410 16.57 6.24 35.26
CA HIS B 410 15.93 7.43 35.77
C HIS B 410 16.81 8.67 35.59
N ASN B 411 18.12 8.46 35.75
CA ASN B 411 19.13 9.50 35.55
C ASN B 411 20.30 9.20 34.67
N ALA B 412 20.99 10.27 34.24
CA ALA B 412 22.14 10.13 33.34
C ALA B 412 23.51 9.95 34.02
N ARG B 413 23.73 8.90 34.82
CA ARG B 413 25.12 8.51 35.27
C ARG B 413 25.79 9.41 36.31
N ASP B 414 26.08 10.64 35.90
CA ASP B 414 26.21 11.77 36.81
C ASP B 414 24.85 12.22 37.30
N GLY B 415 23.79 11.55 36.82
CA GLY B 415 22.37 11.85 37.05
C GLY B 415 21.88 12.96 37.95
N SER B 416 21.70 14.19 37.46
CA SER B 416 21.44 14.56 36.08
C SER B 416 20.08 14.01 35.64
N PRO B 417 19.01 14.77 35.90
CA PRO B 417 17.66 14.24 35.62
C PRO B 417 17.43 13.98 34.12
N LYS B 418 16.70 12.94 33.81
CA LYS B 418 16.28 12.66 32.43
C LYS B 418 14.76 12.92 32.24
N ILE B 419 14.08 13.09 33.35
CA ILE B 419 12.68 13.38 33.37
C ILE B 419 12.54 14.83 33.73
N LEU B 420 12.29 15.65 32.72
CA LEU B 420 12.30 17.09 32.87
C LEU B 420 10.91 17.75 32.83
N ASP B 421 10.89 19.05 33.07
CA ASP B 421 9.72 19.86 32.91
C ASP B 421 9.48 20.07 31.43
N THR B 422 10.49 20.56 30.73
CA THR B 422 10.48 20.58 29.26
C THR B 422 11.77 19.94 28.78
N CYS B 423 11.72 19.28 27.63
CA CYS B 423 12.90 18.66 27.07
C CYS B 423 13.84 19.75 26.57
N SER B 424 15.14 19.51 26.64
CA SER B 424 16.14 20.39 26.05
C SER B 424 16.37 20.01 24.58
N LEU B 425 16.24 18.71 24.30
CA LEU B 425 16.47 18.17 22.96
C LEU B 425 15.25 18.28 22.03
N PRO B 426 15.49 18.20 20.71
CA PRO B 426 14.48 18.03 19.68
C PRO B 426 13.55 16.88 19.98
N LEU B 427 12.27 17.11 19.75
CA LEU B 427 11.28 16.12 20.12
C LEU B 427 11.16 15.03 19.11
N THR B 428 10.86 13.83 19.60
CA THR B 428 10.43 12.71 18.78
C THR B 428 8.88 12.75 18.63
N GLY B 429 8.20 13.11 19.72
CA GLY B 429 6.75 13.35 19.74
C GLY B 429 6.37 14.31 20.88
N LYS B 430 5.22 14.99 20.72
CA LYS B 430 4.71 15.91 21.74
C LYS B 430 3.47 15.31 22.41
N GLY B 431 3.49 15.20 23.73
CA GLY B 431 2.30 14.77 24.44
C GLY B 431 1.89 13.39 23.98
N VAL B 432 2.83 12.48 24.10
CA VAL B 432 2.80 11.26 23.33
C VAL B 432 2.90 10.02 24.23
N ILE B 433 3.58 10.15 25.36
CA ILE B 433 3.83 9.06 26.24
C ILE B 433 2.67 8.82 27.19
N ASP B 434 2.45 7.55 27.56
CA ASP B 434 1.38 7.18 28.49
C ASP B 434 1.85 6.80 29.88
N MET B 435 3.05 6.22 29.94
CA MET B 435 3.63 5.63 31.15
C MET B 435 5.16 5.72 31.09
N ILE B 436 5.79 6.03 32.22
CA ILE B 436 7.26 6.07 32.30
C ILE B 436 7.68 5.13 33.41
N ILE B 437 8.56 4.20 33.09
CA ILE B 437 9.03 3.25 34.07
C ILE B 437 10.53 3.36 34.18
N SER B 438 11.02 3.81 35.33
CA SER B 438 12.47 3.79 35.60
C SER B 438 12.77 2.66 36.55
N GLU B 439 14.03 2.60 37.01
CA GLU B 439 14.43 1.59 38.01
C GLU B 439 13.99 2.01 39.39
N LYS B 440 13.62 3.29 39.53
CA LYS B 440 13.18 3.86 40.80
C LYS B 440 11.65 3.99 40.96
N ALA B 441 10.93 4.20 39.87
CA ALA B 441 9.61 4.79 39.94
C ALA B 441 8.78 4.49 38.73
N VAL B 442 7.45 4.60 38.86
CA VAL B 442 6.53 4.47 37.73
C VAL B 442 5.63 5.69 37.71
N PHE B 443 5.59 6.41 36.60
CA PHE B 443 4.67 7.51 36.41
C PHE B 443 3.59 7.17 35.38
N THR B 444 2.42 7.79 35.49
CA THR B 444 1.40 7.79 34.44
C THR B 444 1.37 9.23 34.03
N VAL B 445 1.05 9.48 32.77
CA VAL B 445 1.08 10.81 32.17
C VAL B 445 -0.34 11.14 31.76
N GLU B 446 -0.78 12.35 32.07
CA GLU B 446 -1.98 12.87 31.45
C GLU B 446 -1.36 13.73 30.39
N LYS B 447 -1.42 13.25 29.15
CA LYS B 447 -0.72 13.89 28.03
C LYS B 447 -1.11 15.35 27.95
N GLY B 448 -0.12 16.21 27.81
CA GLY B 448 -0.34 17.65 27.71
C GLY B 448 -0.49 18.38 29.04
N VAL B 449 -0.65 17.64 30.14
CA VAL B 449 -0.95 18.19 31.45
C VAL B 449 0.15 17.91 32.51
N GLY B 450 0.40 16.65 32.88
CA GLY B 450 1.46 16.37 33.86
C GLY B 450 1.65 14.92 34.26
N LEU B 451 2.59 14.69 35.16
CA LEU B 451 2.94 13.35 35.68
C LEU B 451 2.22 12.98 36.94
N THR B 452 2.20 11.69 37.24
CA THR B 452 1.68 11.23 38.48
C THR B 452 2.53 10.06 38.92
N LEU B 453 3.19 10.18 40.05
CA LEU B 453 3.93 9.05 40.60
C LEU B 453 2.97 8.02 41.12
N ILE B 454 3.02 6.81 40.63
CA ILE B 454 2.10 5.80 41.16
C ILE B 454 2.80 4.67 41.82
N GLU B 455 4.06 4.41 41.49
CA GLU B 455 4.76 3.33 42.20
C GLU B 455 6.18 3.77 42.50
N VAL B 456 6.81 3.15 43.47
CA VAL B 456 8.19 3.47 43.86
C VAL B 456 8.85 2.15 44.18
N ALA B 457 10.04 1.91 43.63
CA ALA B 457 10.75 0.62 43.85
C ALA B 457 11.13 0.52 45.31
N GLU B 458 11.16 -0.69 45.85
CA GLU B 458 11.62 -0.90 47.21
C GLU B 458 12.98 -0.26 47.45
N GLY B 459 13.13 0.36 48.61
CA GLY B 459 14.40 0.93 49.01
C GLY B 459 14.52 2.40 48.68
N TYR B 460 13.64 2.88 47.80
CA TYR B 460 13.64 4.28 47.46
C TYR B 460 12.48 4.90 48.16
N THR B 461 12.62 6.18 48.36
CA THR B 461 11.59 6.99 48.93
C THR B 461 11.19 8.06 47.93
N VAL B 462 10.01 8.60 48.16
CA VAL B 462 9.55 9.66 47.33
C VAL B 462 10.50 10.87 47.43
N ASP B 463 11.24 11.07 48.52
CA ASP B 463 12.25 12.14 48.54
C ASP B 463 13.39 11.88 47.58
N ASP B 464 13.80 10.61 47.43
CA ASP B 464 14.85 10.37 46.42
C ASP B 464 14.32 10.63 45.01
N ILE B 465 13.08 10.26 44.76
CA ILE B 465 12.49 10.53 43.45
C ILE B 465 12.29 11.97 43.20
N ILE B 466 11.90 12.74 44.22
CA ILE B 466 11.79 14.20 44.02
C ILE B 466 13.14 14.79 43.61
N ALA B 467 14.21 14.26 44.21
CA ALA B 467 15.55 14.80 44.05
C ALA B 467 16.16 14.44 42.71
N SER B 468 15.93 13.22 42.24
CA SER B 468 16.40 12.82 40.90
C SER B 468 15.50 13.13 39.72
N THR B 469 14.45 13.90 39.91
CA THR B 469 13.47 14.18 38.83
C THR B 469 13.44 15.66 38.69
N GLY B 470 13.71 16.21 37.52
CA GLY B 470 13.54 17.63 37.30
C GLY B 470 12.06 18.06 37.32
N ALA B 471 11.17 17.18 36.88
CA ALA B 471 9.77 17.54 36.69
C ALA B 471 9.01 17.56 38.01
N LYS B 472 8.13 18.55 38.15
CA LYS B 472 7.13 18.51 39.21
C LYS B 472 6.21 17.34 38.90
N PHE B 473 5.62 16.75 39.94
CA PHE B 473 4.64 15.70 39.73
C PHE B 473 3.74 15.59 40.91
N THR B 474 2.57 15.02 40.69
CA THR B 474 1.65 14.84 41.77
C THR B 474 1.83 13.39 42.22
N VAL B 475 1.91 13.19 43.54
CA VAL B 475 2.13 11.86 44.11
C VAL B 475 0.80 11.19 44.29
N SER B 476 0.63 10.02 43.72
CA SER B 476 -0.65 9.35 43.82
C SER B 476 -1.01 9.09 45.25
N PRO B 477 -2.21 9.58 45.66
CA PRO B 477 -2.77 8.98 46.85
C PRO B 477 -2.80 7.52 46.57
N ASN B 478 -2.45 6.70 47.55
CA ASN B 478 -2.41 5.27 47.30
C ASN B 478 -1.44 4.87 46.17
N LEU B 479 -0.28 5.52 46.10
CA LEU B 479 0.89 4.90 45.46
C LEU B 479 1.21 3.59 46.16
N LYS B 480 1.96 2.74 45.49
CA LYS B 480 2.45 1.54 46.13
C LYS B 480 3.91 1.20 45.77
N LYS B 481 4.36 0.04 46.22
CA LYS B 481 5.64 -0.52 45.83
C LYS B 481 5.58 -0.92 44.34
N MET B 482 6.68 -0.73 43.61
CA MET B 482 6.75 -1.10 42.21
C MET B 482 6.55 -2.60 42.07
N GLY B 483 5.54 -3.01 41.29
CA GLY B 483 5.28 -4.39 41.01
C GLY B 483 6.36 -5.04 40.17
N GLN B 484 6.40 -6.36 40.25
CA GLN B 484 7.43 -7.17 39.61
C GLN B 484 6.78 -8.44 39.16
N ILE B 485 6.95 -8.79 37.92
CA ILE B 485 6.35 -10.02 37.46
C ILE B 485 7.18 -11.16 38.04
N PRO B 486 6.51 -12.26 38.41
CA PRO B 486 7.21 -13.50 38.79
C PRO B 486 8.29 -14.01 37.83
N VAL B 487 9.22 -14.76 38.40
CA VAL B 487 10.15 -15.64 37.66
C VAL B 487 10.99 -14.87 36.64
#